data_6IGS
#
_entry.id   6IGS
#
_cell.length_a   78.764
_cell.length_b   90.193
_cell.length_c   113.707
_cell.angle_alpha   90.000
_cell.angle_beta   90.000
_cell.angle_gamma   90.000
#
_symmetry.space_group_name_H-M   'P 21 21 21'
#
loop_
_entity.id
_entity.type
_entity.pdbx_description
1 polymer 'Hypoxanthine phosphoribosyltransferase'
2 non-polymer 'SULFATE ION'
3 non-polymer 'ZINC ION'
4 water water
#
_entity_poly.entity_id   1
_entity_poly.type   'polypeptide(L)'
_entity_poly.pdbx_seq_one_letter_code
;MTYSAENTEVYITSQQLEQAVTRLAEQINQDYSGQQVTLVCVLKGSFMFFADLVRKLRIDLRTQFITASSYGSSTKSSGT
VTLTETSLKEEYVKDKNIIIIEDIVDTGHTYHKLIEGIGKYNPKTLKFATLLFKPARLERDVKLDYVCFEIEDKFIVGYG
LDFDEKYRELPYIGLIK
;
_entity_poly.pdbx_strand_id   A,B,C,D
#
# COMPACT_ATOMS: atom_id res chain seq x y z
N MET A 1 -12.23 -18.00 6.25
CA MET A 1 -13.03 -16.91 5.57
C MET A 1 -12.16 -16.25 4.49
N THR A 2 -12.48 -16.53 3.21
CA THR A 2 -11.65 -16.19 2.06
C THR A 2 -12.35 -15.23 1.06
N TYR A 3 -11.52 -14.46 0.34
CA TYR A 3 -11.94 -13.53 -0.66
C TYR A 3 -12.74 -14.29 -1.74
N SER A 4 -13.82 -13.66 -2.16
CA SER A 4 -14.82 -14.28 -2.99
C SER A 4 -14.32 -14.56 -4.40
N ALA A 5 -13.31 -13.85 -4.93
CA ALA A 5 -12.76 -14.06 -6.28
C ALA A 5 -12.27 -15.51 -6.55
N GLU A 6 -11.77 -16.18 -5.53
CA GLU A 6 -11.28 -17.54 -5.69
C GLU A 6 -12.41 -18.51 -6.06
N ASN A 7 -13.67 -18.12 -5.85
CA ASN A 7 -14.79 -18.91 -6.27
C ASN A 7 -15.23 -18.56 -7.71
N THR A 8 -14.44 -17.76 -8.46
CA THR A 8 -14.94 -17.22 -9.73
C THR A 8 -13.90 -17.36 -10.84
N GLU A 9 -14.32 -17.17 -12.09
CA GLU A 9 -13.49 -17.12 -13.30
C GLU A 9 -13.81 -15.79 -13.94
N VAL A 10 -12.87 -15.09 -14.52
CA VAL A 10 -13.15 -13.85 -15.19
C VAL A 10 -13.95 -14.17 -16.47
N TYR A 11 -15.00 -13.40 -16.67
CA TYR A 11 -15.76 -13.46 -17.82
C TYR A 11 -15.63 -12.21 -18.68
N ILE A 12 -15.69 -11.01 -18.08
CA ILE A 12 -15.32 -9.73 -18.68
C ILE A 12 -14.42 -8.97 -17.69
N THR A 13 -13.26 -8.53 -18.17
CA THR A 13 -12.22 -7.99 -17.33
C THR A 13 -12.60 -6.56 -16.96
N SER A 14 -12.01 -6.10 -15.87
CA SER A 14 -12.23 -4.73 -15.45
C SER A 14 -11.73 -3.71 -16.48
N GLN A 15 -10.60 -3.96 -17.16
CA GLN A 15 -10.15 -3.09 -18.28
C GLN A 15 -11.19 -3.12 -19.42
N GLN A 16 -11.82 -4.28 -19.69
CA GLN A 16 -12.83 -4.37 -20.74
C GLN A 16 -14.09 -3.55 -20.35
N LEU A 17 -14.49 -3.61 -19.07
CA LEU A 17 -15.56 -2.86 -18.53
C LEU A 17 -15.26 -1.36 -18.62
N GLU A 18 -14.04 -0.95 -18.35
CA GLU A 18 -13.62 0.48 -18.38
C GLU A 18 -13.73 1.03 -19.80
N GLN A 19 -13.44 0.22 -20.82
CA GLN A 19 -13.46 0.67 -22.20
C GLN A 19 -14.88 0.78 -22.71
N ALA A 20 -15.74 -0.17 -22.33
CA ALA A 20 -17.14 -0.09 -22.68
C ALA A 20 -17.79 1.14 -21.98
N VAL A 21 -17.45 1.38 -20.72
CA VAL A 21 -18.12 2.51 -20.05
C VAL A 21 -17.68 3.82 -20.71
N THR A 22 -16.37 3.97 -21.05
CA THR A 22 -15.87 5.10 -21.84
C THR A 22 -16.68 5.27 -23.12
N ARG A 23 -16.78 4.19 -23.91
CA ARG A 23 -17.53 4.24 -25.19
C ARG A 23 -18.96 4.77 -24.94
N LEU A 24 -19.58 4.26 -23.88
CA LEU A 24 -20.95 4.62 -23.64
C LEU A 24 -21.07 6.10 -23.24
N ALA A 25 -20.13 6.60 -22.47
CA ALA A 25 -20.11 7.99 -22.02
C ALA A 25 -19.88 8.97 -23.20
N GLU A 26 -18.93 8.66 -24.09
CA GLU A 26 -18.69 9.41 -25.37
C GLU A 26 -20.01 9.46 -26.17
N GLN A 27 -20.70 8.30 -26.30
CA GLN A 27 -21.97 8.24 -27.04
C GLN A 27 -23.01 9.16 -26.37
N ILE A 28 -23.16 9.07 -25.04
CA ILE A 28 -24.23 9.86 -24.37
C ILE A 28 -23.88 11.34 -24.47
N ASN A 29 -22.60 11.66 -24.37
CA ASN A 29 -22.16 13.01 -24.42
C ASN A 29 -22.53 13.65 -25.77
N GLN A 30 -22.45 12.85 -26.85
CA GLN A 30 -22.65 13.32 -28.19
C GLN A 30 -24.16 13.47 -28.43
N ASP A 31 -24.93 12.44 -28.12
CA ASP A 31 -26.36 12.46 -28.35
C ASP A 31 -27.05 13.57 -27.56
N TYR A 32 -26.49 14.04 -26.45
CA TYR A 32 -27.13 15.03 -25.59
C TYR A 32 -26.27 16.28 -25.43
N SER A 33 -25.37 16.51 -26.39
CA SER A 33 -24.70 17.80 -26.60
C SER A 33 -25.63 18.99 -26.35
N GLY A 34 -25.24 19.83 -25.36
CA GLY A 34 -25.85 21.10 -24.86
C GLY A 34 -27.24 20.94 -24.24
N GLN A 35 -27.67 19.73 -23.88
CA GLN A 35 -28.95 19.43 -23.23
C GLN A 35 -28.68 18.93 -21.79
N GLN A 36 -29.77 18.74 -21.05
CA GLN A 36 -29.78 18.23 -19.70
C GLN A 36 -30.49 16.87 -19.67
N VAL A 37 -29.85 15.89 -19.00
CA VAL A 37 -30.34 14.53 -18.90
C VAL A 37 -30.51 14.13 -17.44
N THR A 38 -31.59 13.44 -17.12
CA THR A 38 -31.75 12.83 -15.85
C THR A 38 -31.39 11.35 -16.04
N LEU A 39 -30.28 10.94 -15.43
CA LEU A 39 -29.81 9.56 -15.36
C LEU A 39 -30.46 8.86 -14.19
N VAL A 40 -31.09 7.70 -14.44
CA VAL A 40 -31.81 6.98 -13.39
C VAL A 40 -31.12 5.63 -13.12
N CYS A 41 -30.55 5.49 -11.92
CA CYS A 41 -29.84 4.30 -11.52
C CYS A 41 -30.81 3.27 -10.98
N VAL A 42 -30.80 2.05 -11.54
CA VAL A 42 -31.70 0.96 -11.06
C VAL A 42 -30.93 0.11 -10.05
N LEU A 43 -31.18 0.41 -8.78
CA LEU A 43 -30.52 -0.20 -7.65
C LEU A 43 -31.05 -1.62 -7.58
N LYS A 44 -30.27 -2.58 -7.08
CA LYS A 44 -28.97 -2.32 -6.49
C LYS A 44 -27.83 -2.53 -7.49
N GLY A 45 -28.03 -3.41 -8.46
CA GLY A 45 -27.02 -3.97 -9.27
C GLY A 45 -26.29 -3.00 -10.18
N SER A 46 -26.90 -1.86 -10.52
N SER A 46 -26.89 -1.85 -10.47
CA SER A 46 -26.26 -0.92 -11.45
CA SER A 46 -26.33 -0.89 -11.41
C SER A 46 -25.34 0.09 -10.75
C SER A 46 -25.37 0.11 -10.74
N PHE A 47 -25.23 0.04 -9.41
CA PHE A 47 -24.57 1.13 -8.67
C PHE A 47 -23.11 1.36 -9.10
N MET A 48 -22.34 0.30 -9.32
CA MET A 48 -20.93 0.41 -9.63
C MET A 48 -20.78 0.94 -11.06
N PHE A 49 -21.51 0.35 -12.02
CA PHE A 49 -21.61 0.81 -13.41
C PHE A 49 -22.00 2.30 -13.47
N PHE A 50 -23.04 2.65 -12.71
CA PHE A 50 -23.48 4.05 -12.56
C PHE A 50 -22.38 4.96 -12.02
N ALA A 51 -21.73 4.55 -10.94
CA ALA A 51 -20.65 5.37 -10.39
C ALA A 51 -19.54 5.61 -11.43
N ASP A 52 -19.20 4.61 -12.24
CA ASP A 52 -18.15 4.77 -13.24
C ASP A 52 -18.64 5.61 -14.43
N LEU A 53 -19.88 5.40 -14.87
CA LEU A 53 -20.45 6.12 -16.02
C LEU A 53 -20.54 7.62 -15.74
N VAL A 54 -21.14 8.00 -14.60
CA VAL A 54 -21.49 9.40 -14.39
C VAL A 54 -20.21 10.19 -14.30
N ARG A 55 -19.11 9.60 -13.83
CA ARG A 55 -17.84 10.37 -13.75
C ARG A 55 -17.25 10.73 -15.11
N LYS A 56 -17.71 10.09 -16.21
CA LYS A 56 -17.17 10.35 -17.57
C LYS A 56 -18.18 11.14 -18.40
N LEU A 57 -19.34 11.47 -17.82
CA LEU A 57 -20.25 12.31 -18.51
C LEU A 57 -19.85 13.80 -18.31
N ARG A 58 -20.10 14.61 -19.37
CA ARG A 58 -19.58 15.97 -19.49
C ARG A 58 -20.72 16.90 -19.90
N ILE A 59 -21.96 16.47 -19.68
CA ILE A 59 -23.19 17.22 -19.98
C ILE A 59 -23.85 17.63 -18.65
N ASP A 60 -24.77 18.58 -18.71
CA ASP A 60 -25.68 18.94 -17.59
C ASP A 60 -26.57 17.75 -17.28
N LEU A 61 -26.66 17.44 -16.00
CA LEU A 61 -27.03 16.17 -15.51
C LEU A 61 -27.76 16.32 -14.17
N ARG A 62 -28.77 15.48 -14.01
CA ARG A 62 -29.45 15.18 -12.73
C ARG A 62 -29.36 13.66 -12.55
N THR A 63 -29.31 13.22 -11.29
CA THR A 63 -29.24 11.81 -11.01
C THR A 63 -30.38 11.43 -10.08
N GLN A 64 -30.97 10.26 -10.33
CA GLN A 64 -32.04 9.72 -9.55
C GLN A 64 -31.80 8.22 -9.35
N PHE A 65 -32.38 7.64 -8.30
CA PHE A 65 -32.24 6.25 -7.98
C PHE A 65 -33.61 5.65 -7.75
N ILE A 66 -33.83 4.43 -8.28
CA ILE A 66 -35.02 3.65 -8.03
C ILE A 66 -34.60 2.20 -7.86
N THR A 67 -35.56 1.33 -7.49
CA THR A 67 -35.41 -0.16 -7.54
C THR A 67 -36.47 -0.69 -8.51
N ALA A 68 -36.29 -1.92 -9.04
CA ALA A 68 -37.26 -2.55 -9.97
C ALA A 68 -38.65 -2.71 -9.30
N SER A 69 -38.63 -3.12 -8.03
CA SER A 69 -39.81 -3.36 -7.22
C SER A 69 -40.53 -2.05 -6.85
N SER A 70 -40.00 -0.89 -7.26
CA SER A 70 -40.66 0.40 -7.04
C SER A 70 -41.63 0.70 -8.20
N TYR A 71 -41.87 -0.30 -9.07
CA TYR A 71 -42.91 -0.22 -10.13
C TYR A 71 -43.72 -1.52 -10.20
N SER A 87 -40.76 5.08 -5.96
CA SER A 87 -41.23 5.41 -7.33
C SER A 87 -40.95 6.88 -7.66
N LEU A 88 -40.50 7.13 -8.89
CA LEU A 88 -39.96 8.44 -9.34
C LEU A 88 -41.10 9.44 -9.51
N LYS A 89 -40.92 10.66 -9.01
CA LYS A 89 -41.96 11.72 -9.03
C LYS A 89 -42.11 12.40 -10.41
N GLU A 90 -43.35 12.81 -10.69
CA GLU A 90 -43.72 13.42 -11.95
C GLU A 90 -42.84 14.66 -12.19
N GLU A 91 -42.54 15.42 -11.15
CA GLU A 91 -41.75 16.62 -11.30
C GLU A 91 -40.35 16.28 -11.88
N TYR A 92 -39.86 15.04 -11.69
CA TYR A 92 -38.49 14.70 -12.10
C TYR A 92 -38.45 14.08 -13.52
N VAL A 93 -39.64 13.81 -14.08
CA VAL A 93 -39.84 13.05 -15.34
C VAL A 93 -40.40 13.96 -16.46
N LYS A 94 -41.49 14.66 -16.15
CA LYS A 94 -42.29 15.48 -17.09
C LYS A 94 -41.36 16.43 -17.86
N ASP A 95 -41.31 16.26 -19.18
CA ASP A 95 -40.54 17.14 -20.07
C ASP A 95 -39.02 17.00 -19.87
N LYS A 96 -38.51 15.98 -19.13
CA LYS A 96 -37.08 15.79 -18.99
C LYS A 96 -36.57 14.77 -20.00
N ASN A 97 -35.27 14.83 -20.31
CA ASN A 97 -34.62 13.71 -20.92
C ASN A 97 -34.24 12.66 -19.83
N ILE A 98 -34.83 11.47 -19.88
CA ILE A 98 -34.51 10.33 -19.01
C ILE A 98 -33.64 9.34 -19.77
N ILE A 99 -32.63 8.80 -19.06
CA ILE A 99 -31.93 7.59 -19.41
C ILE A 99 -31.92 6.70 -18.17
N ILE A 100 -32.56 5.55 -18.27
CA ILE A 100 -32.52 4.50 -17.29
C ILE A 100 -31.21 3.69 -17.44
N ILE A 101 -30.55 3.40 -16.31
CA ILE A 101 -29.23 2.73 -16.31
C ILE A 101 -29.46 1.45 -15.56
N GLU A 102 -29.34 0.31 -16.25
CA GLU A 102 -29.61 -1.02 -15.67
C GLU A 102 -28.33 -1.86 -15.77
N ASP A 103 -28.23 -2.88 -14.92
CA ASP A 103 -27.15 -3.82 -14.96
C ASP A 103 -27.39 -4.90 -16.03
N ILE A 104 -28.57 -5.52 -16.04
CA ILE A 104 -28.84 -6.65 -16.92
C ILE A 104 -30.31 -6.63 -17.38
N VAL A 105 -30.47 -6.92 -18.67
CA VAL A 105 -31.70 -7.30 -19.33
C VAL A 105 -31.62 -8.77 -19.81
N ASP A 106 -32.56 -9.57 -19.33
CA ASP A 106 -32.71 -11.00 -19.60
C ASP A 106 -34.02 -11.25 -20.40
N THR A 107 -35.15 -11.19 -19.69
CA THR A 107 -36.47 -11.43 -20.28
C THR A 107 -36.99 -10.13 -20.89
N GLY A 108 -36.69 -8.99 -20.24
CA GLY A 108 -37.27 -7.73 -20.59
C GLY A 108 -38.56 -7.46 -19.82
N HIS A 109 -38.90 -8.29 -18.83
CA HIS A 109 -40.03 -8.01 -17.92
C HIS A 109 -39.79 -6.68 -17.17
N THR A 110 -38.59 -6.51 -16.59
CA THR A 110 -38.25 -5.25 -15.81
C THR A 110 -38.30 -4.04 -16.76
N TYR A 111 -37.70 -4.19 -17.94
CA TYR A 111 -37.67 -3.15 -18.93
C TYR A 111 -39.09 -2.62 -19.20
N HIS A 112 -40.00 -3.48 -19.67
CA HIS A 112 -41.29 -2.84 -20.05
C HIS A 112 -41.99 -2.24 -18.82
N LYS A 113 -41.72 -2.74 -17.62
CA LYS A 113 -42.30 -2.14 -16.45
C LYS A 113 -41.70 -0.74 -16.17
N LEU A 114 -40.41 -0.54 -16.40
CA LEU A 114 -39.75 0.79 -16.12
C LEU A 114 -40.18 1.80 -17.22
N ILE A 115 -40.27 1.35 -18.47
CA ILE A 115 -40.68 2.16 -19.62
C ILE A 115 -42.18 2.45 -19.57
N GLU A 116 -42.97 1.65 -18.88
CA GLU A 116 -44.43 1.94 -18.72
C GLU A 116 -44.61 2.94 -17.56
N GLY A 117 -44.14 2.59 -16.36
CA GLY A 117 -44.33 3.38 -15.12
C GLY A 117 -43.69 4.78 -15.13
N ILE A 118 -42.58 4.98 -15.86
CA ILE A 118 -41.95 6.29 -16.06
C ILE A 118 -42.62 7.04 -17.22
N GLY A 119 -42.88 6.37 -18.35
CA GLY A 119 -43.37 7.01 -19.60
C GLY A 119 -44.74 7.65 -19.42
N LYS A 120 -45.43 7.28 -18.34
CA LYS A 120 -46.77 7.78 -18.05
C LYS A 120 -46.69 9.23 -17.54
N TYR A 121 -45.51 9.72 -17.09
CA TYR A 121 -45.37 11.16 -16.77
C TYR A 121 -44.72 11.97 -17.90
N ASN A 122 -44.63 11.40 -19.10
CA ASN A 122 -44.34 12.14 -20.35
C ASN A 122 -43.02 12.90 -20.21
N PRO A 123 -41.91 12.17 -20.23
CA PRO A 123 -40.61 12.77 -20.46
C PRO A 123 -40.46 13.22 -21.92
N LYS A 124 -39.58 14.18 -22.17
CA LYS A 124 -39.27 14.62 -23.49
C LYS A 124 -38.68 13.45 -24.30
N THR A 125 -37.78 12.68 -23.70
CA THR A 125 -37.26 11.49 -24.31
C THR A 125 -37.03 10.43 -23.22
N LEU A 126 -37.04 9.17 -23.63
CA LEU A 126 -36.86 8.11 -22.69
C LEU A 126 -36.02 7.03 -23.34
N LYS A 127 -34.86 6.75 -22.75
CA LYS A 127 -33.95 5.75 -23.23
C LYS A 127 -33.54 4.81 -22.11
N PHE A 128 -33.13 3.63 -22.53
CA PHE A 128 -32.74 2.55 -21.66
C PHE A 128 -31.31 2.15 -22.03
N ALA A 129 -30.41 2.14 -21.05
CA ALA A 129 -29.07 1.58 -21.22
C ALA A 129 -28.92 0.39 -20.28
N THR A 130 -28.27 -0.65 -20.77
CA THR A 130 -27.91 -1.77 -19.92
C THR A 130 -26.45 -2.10 -20.13
N LEU A 131 -25.79 -2.49 -19.03
CA LEU A 131 -24.44 -2.95 -19.11
C LEU A 131 -24.42 -4.31 -19.84
N LEU A 132 -25.34 -5.18 -19.47
CA LEU A 132 -25.33 -6.52 -20.00
C LEU A 132 -26.71 -6.87 -20.57
N PHE A 133 -26.68 -7.53 -21.72
CA PHE A 133 -27.86 -8.03 -22.40
C PHE A 133 -27.70 -9.54 -22.67
N LYS A 134 -28.66 -10.32 -22.21
CA LYS A 134 -28.80 -11.77 -22.42
C LYS A 134 -30.03 -12.07 -23.30
N PRO A 135 -29.89 -12.08 -24.65
CA PRO A 135 -31.02 -12.22 -25.56
C PRO A 135 -31.91 -13.47 -25.40
N ALA A 136 -31.41 -14.57 -24.85
CA ALA A 136 -32.23 -15.79 -24.64
C ALA A 136 -33.42 -15.47 -23.69
N ARG A 137 -34.55 -16.16 -23.93
CA ARG A 137 -35.84 -16.03 -23.19
C ARG A 137 -36.35 -14.58 -23.17
N LEU A 138 -36.10 -13.82 -24.25
CA LEU A 138 -36.60 -12.47 -24.35
C LEU A 138 -38.13 -12.55 -24.48
N GLU A 139 -38.84 -11.93 -23.53
CA GLU A 139 -40.30 -11.68 -23.53
C GLU A 139 -40.81 -11.34 -24.93
N ARG A 140 -40.41 -10.17 -25.47
CA ARG A 140 -41.03 -9.65 -26.69
C ARG A 140 -40.11 -8.61 -27.33
N ASP A 141 -40.70 -7.61 -28.00
CA ASP A 141 -39.99 -6.48 -28.64
C ASP A 141 -39.60 -5.43 -27.59
N VAL A 142 -38.28 -5.33 -27.35
CA VAL A 142 -37.63 -4.38 -26.45
C VAL A 142 -36.60 -3.56 -27.24
N LYS A 143 -36.68 -2.22 -27.11
CA LYS A 143 -35.73 -1.28 -27.73
C LYS A 143 -34.69 -0.92 -26.67
N LEU A 144 -33.50 -1.53 -26.75
CA LEU A 144 -32.37 -1.10 -25.90
C LEU A 144 -31.53 -0.09 -26.67
N ASP A 145 -31.43 1.14 -26.16
CA ASP A 145 -30.80 2.21 -26.88
C ASP A 145 -29.28 2.10 -26.75
N TYR A 146 -28.81 1.48 -25.66
CA TYR A 146 -27.39 1.28 -25.38
C TYR A 146 -27.17 -0.03 -24.65
N VAL A 147 -26.18 -0.80 -25.13
CA VAL A 147 -25.79 -2.07 -24.66
C VAL A 147 -24.26 -2.06 -24.60
N CYS A 148 -23.66 -2.31 -23.43
CA CYS A 148 -22.21 -2.45 -23.36
C CYS A 148 -21.81 -3.83 -23.84
N PHE A 149 -22.50 -4.86 -23.38
CA PHE A 149 -22.09 -6.22 -23.75
C PHE A 149 -23.32 -7.11 -23.95
N GLU A 150 -23.28 -7.84 -25.06
CA GLU A 150 -24.27 -8.85 -25.41
C GLU A 150 -23.66 -10.18 -25.02
N ILE A 151 -24.21 -10.85 -24.02
CA ILE A 151 -23.46 -11.92 -23.44
C ILE A 151 -24.27 -13.20 -23.65
N GLU A 152 -23.65 -14.34 -23.38
CA GLU A 152 -24.34 -15.62 -23.52
C GLU A 152 -25.15 -15.87 -22.24
N ASP A 153 -25.89 -16.97 -22.24
CA ASP A 153 -26.90 -17.22 -21.25
C ASP A 153 -26.26 -17.88 -20.01
N LYS A 154 -25.60 -17.08 -19.17
CA LYS A 154 -24.73 -17.63 -18.12
C LYS A 154 -25.02 -16.87 -16.83
N PHE A 155 -24.85 -17.54 -15.69
CA PHE A 155 -25.02 -16.87 -14.41
C PHE A 155 -23.73 -16.12 -14.03
N ILE A 156 -23.82 -14.79 -14.02
CA ILE A 156 -22.73 -13.82 -13.86
C ILE A 156 -22.92 -13.00 -12.55
N VAL A 157 -21.77 -12.66 -11.93
CA VAL A 157 -21.68 -11.90 -10.75
C VAL A 157 -20.52 -10.90 -10.93
N GLY A 158 -20.36 -10.00 -9.94
CA GLY A 158 -19.28 -9.06 -9.86
C GLY A 158 -19.70 -7.69 -10.41
N TYR A 159 -18.84 -6.70 -10.24
CA TYR A 159 -19.04 -5.34 -10.72
C TYR A 159 -20.42 -4.85 -10.31
N GLY A 160 -20.81 -5.16 -9.09
CA GLY A 160 -22.06 -4.69 -8.49
C GLY A 160 -23.18 -5.70 -8.44
N LEU A 161 -23.10 -6.76 -9.27
CA LEU A 161 -24.10 -7.85 -9.37
C LEU A 161 -23.73 -8.93 -8.35
N ASP A 162 -24.73 -9.42 -7.59
CA ASP A 162 -24.47 -10.28 -6.47
C ASP A 162 -25.07 -11.65 -6.69
N PHE A 163 -24.72 -12.55 -5.79
CA PHE A 163 -25.45 -13.73 -5.49
C PHE A 163 -25.43 -13.88 -3.96
N ASP A 164 -26.59 -13.87 -3.34
CA ASP A 164 -26.70 -13.98 -1.85
C ASP A 164 -25.81 -12.95 -1.12
N GLU A 165 -25.82 -11.71 -1.62
CA GLU A 165 -25.05 -10.60 -1.03
C GLU A 165 -23.54 -10.80 -1.15
N LYS A 166 -23.07 -11.81 -1.91
CA LYS A 166 -21.68 -12.03 -2.24
C LYS A 166 -21.39 -11.46 -3.66
N TYR A 167 -20.12 -11.18 -3.89
CA TYR A 167 -19.51 -10.91 -5.21
C TYR A 167 -19.71 -9.49 -5.78
N ARG A 168 -20.54 -8.63 -5.15
CA ARG A 168 -20.72 -7.27 -5.68
C ARG A 168 -19.37 -6.57 -5.84
N GLU A 169 -18.42 -6.88 -4.95
CA GLU A 169 -17.16 -6.21 -4.81
C GLU A 169 -16.14 -6.51 -5.90
N LEU A 170 -16.34 -7.55 -6.67
CA LEU A 170 -15.35 -7.93 -7.69
C LEU A 170 -15.25 -6.81 -8.73
N PRO A 171 -14.03 -6.41 -9.14
CA PRO A 171 -13.88 -5.34 -10.12
C PRO A 171 -14.22 -5.80 -11.54
N TYR A 172 -14.48 -7.10 -11.70
CA TYR A 172 -14.73 -7.72 -13.05
C TYR A 172 -16.08 -8.46 -12.98
N ILE A 173 -16.61 -8.78 -14.14
CA ILE A 173 -17.76 -9.66 -14.31
C ILE A 173 -17.21 -11.10 -14.35
N GLY A 174 -17.73 -11.96 -13.46
CA GLY A 174 -17.30 -13.30 -13.27
C GLY A 174 -18.41 -14.35 -13.40
N LEU A 175 -17.95 -15.61 -13.61
CA LEU A 175 -18.72 -16.81 -13.51
C LEU A 175 -18.47 -17.43 -12.16
N ILE A 176 -19.45 -18.15 -11.58
CA ILE A 176 -19.26 -18.97 -10.39
CA ILE A 176 -19.22 -18.94 -10.39
C ILE A 176 -18.68 -20.30 -10.87
N LYS A 177 -17.58 -20.71 -10.28
CA LYS A 177 -16.94 -21.97 -10.68
C LYS A 177 -17.86 -23.16 -10.36
N THR B 2 -25.16 23.45 -19.58
CA THR B 2 -23.79 23.60 -19.00
C THR B 2 -23.43 22.47 -17.97
N TYR B 3 -22.32 21.77 -18.23
CA TYR B 3 -21.68 20.82 -17.31
C TYR B 3 -21.51 21.47 -15.91
N SER B 4 -21.96 20.76 -14.87
CA SER B 4 -22.01 21.28 -13.50
C SER B 4 -20.61 21.57 -12.91
N ALA B 5 -19.55 20.98 -13.46
CA ALA B 5 -18.13 21.31 -13.02
C ALA B 5 -17.82 22.82 -13.17
N GLU B 6 -18.36 23.49 -14.21
CA GLU B 6 -18.14 24.95 -14.47
C GLU B 6 -18.41 25.83 -13.24
N ASN B 7 -19.47 25.59 -12.48
CA ASN B 7 -19.72 26.45 -11.33
C ASN B 7 -19.17 25.87 -9.99
N THR B 8 -18.07 25.10 -10.04
CA THR B 8 -17.38 24.58 -8.86
C THR B 8 -15.88 24.85 -8.96
N GLU B 9 -15.19 24.63 -7.85
CA GLU B 9 -13.76 24.69 -7.76
C GLU B 9 -13.35 23.40 -7.07
N VAL B 10 -12.24 22.81 -7.49
CA VAL B 10 -11.81 21.57 -6.90
C VAL B 10 -11.32 21.83 -5.47
N TYR B 11 -11.87 21.10 -4.51
CA TYR B 11 -11.46 21.09 -3.10
C TYR B 11 -10.65 19.84 -2.73
N ILE B 12 -11.08 18.66 -3.16
CA ILE B 12 -10.32 17.40 -2.96
C ILE B 12 -10.33 16.73 -4.34
N THR B 13 -9.12 16.51 -4.89
CA THR B 13 -8.95 15.95 -6.23
C THR B 13 -9.33 14.46 -6.25
N SER B 14 -9.62 14.00 -7.46
CA SER B 14 -9.90 12.60 -7.69
C SER B 14 -8.68 11.76 -7.35
N GLN B 15 -7.46 12.33 -7.46
CA GLN B 15 -6.20 11.60 -7.05
C GLN B 15 -6.10 11.51 -5.52
N GLN B 16 -6.43 12.59 -4.82
CA GLN B 16 -6.42 12.54 -3.37
C GLN B 16 -7.42 11.51 -2.87
N LEU B 17 -8.59 11.44 -3.50
CA LEU B 17 -9.66 10.50 -3.12
C LEU B 17 -9.19 9.07 -3.31
N GLU B 18 -8.75 8.79 -4.52
CA GLU B 18 -8.18 7.48 -4.90
C GLU B 18 -7.17 6.96 -3.83
N GLN B 19 -6.28 7.83 -3.43
CA GLN B 19 -5.21 7.52 -2.49
C GLN B 19 -5.79 7.28 -1.09
N ALA B 20 -6.75 8.12 -0.67
CA ALA B 20 -7.41 7.93 0.65
C ALA B 20 -8.20 6.59 0.66
N VAL B 21 -8.81 6.24 -0.46
CA VAL B 21 -9.65 5.04 -0.50
C VAL B 21 -8.74 3.81 -0.52
N THR B 22 -7.61 3.91 -1.22
CA THR B 22 -6.58 2.84 -1.16
C THR B 22 -6.13 2.64 0.29
N ARG B 23 -5.85 3.73 1.00
CA ARG B 23 -5.35 3.69 2.39
C ARG B 23 -6.41 3.01 3.27
N LEU B 24 -7.69 3.37 3.05
CA LEU B 24 -8.76 2.81 3.87
C LEU B 24 -8.92 1.30 3.59
N ALA B 25 -8.84 0.90 2.32
CA ALA B 25 -8.96 -0.49 1.96
C ALA B 25 -7.83 -1.30 2.59
N GLU B 26 -6.60 -0.78 2.61
CA GLU B 26 -5.48 -1.53 3.21
C GLU B 26 -5.65 -1.61 4.74
N GLN B 27 -6.12 -0.53 5.41
CA GLN B 27 -6.43 -0.64 6.84
C GLN B 27 -7.48 -1.75 7.09
N ILE B 28 -8.61 -1.76 6.35
CA ILE B 28 -9.68 -2.76 6.54
C ILE B 28 -9.17 -4.16 6.21
N ASN B 29 -8.46 -4.39 5.10
CA ASN B 29 -7.82 -5.69 4.68
C ASN B 29 -6.98 -6.30 5.84
N GLN B 30 -6.26 -5.44 6.56
CA GLN B 30 -5.39 -5.83 7.64
C GLN B 30 -6.17 -6.08 8.92
N ASP B 31 -7.08 -5.16 9.27
CA ASP B 31 -7.85 -5.25 10.53
C ASP B 31 -8.72 -6.50 10.55
N TYR B 32 -9.13 -6.97 9.37
CA TYR B 32 -10.10 -8.04 9.29
C TYR B 32 -9.50 -9.21 8.52
N SER B 33 -8.17 -9.28 8.52
CA SER B 33 -7.48 -10.43 7.86
C SER B 33 -8.08 -11.76 8.32
N GLY B 34 -8.54 -12.61 7.38
CA GLY B 34 -9.09 -13.95 7.71
C GLY B 34 -10.45 -13.92 8.42
N GLN B 35 -11.16 -12.78 8.34
CA GLN B 35 -12.52 -12.65 8.85
C GLN B 35 -13.44 -12.21 7.70
N GLN B 36 -14.72 -12.34 8.01
CA GLN B 36 -15.78 -11.92 7.16
C GLN B 36 -16.33 -10.61 7.71
N VAL B 37 -16.73 -9.74 6.79
CA VAL B 37 -17.30 -8.46 7.09
C VAL B 37 -18.54 -8.25 6.22
N THR B 38 -19.60 -7.75 6.85
CA THR B 38 -20.71 -7.12 6.16
C THR B 38 -20.56 -5.59 6.14
N LEU B 39 -20.44 -5.06 4.94
CA LEU B 39 -20.32 -3.67 4.71
C LEU B 39 -21.73 -3.13 4.48
N VAL B 40 -22.10 -2.03 5.13
CA VAL B 40 -23.39 -1.42 4.88
C VAL B 40 -23.19 -0.06 4.21
N CYS B 41 -23.62 0.08 2.95
CA CYS B 41 -23.53 1.32 2.22
C CYS B 41 -24.73 2.20 2.61
N VAL B 42 -24.51 3.46 2.99
CA VAL B 42 -25.58 4.39 3.27
C VAL B 42 -25.92 5.20 2.01
N LEU B 43 -27.01 4.83 1.34
CA LEU B 43 -27.46 5.52 0.14
C LEU B 43 -28.12 6.83 0.57
N LYS B 44 -28.21 7.80 -0.34
CA LYS B 44 -27.65 7.72 -1.67
C LYS B 44 -26.17 8.12 -1.79
N GLY B 45 -25.73 9.04 -0.93
CA GLY B 45 -24.51 9.77 -1.06
C GLY B 45 -23.23 8.91 -1.10
N SER B 46 -23.21 7.73 -0.47
N SER B 46 -23.25 7.73 -0.47
CA SER B 46 -22.01 6.95 -0.29
CA SER B 46 -22.08 6.95 -0.24
C SER B 46 -21.79 5.93 -1.41
C SER B 46 -21.74 6.07 -1.45
N PHE B 47 -22.67 5.93 -2.42
CA PHE B 47 -22.64 4.89 -3.49
C PHE B 47 -21.32 4.89 -4.25
N MET B 48 -20.76 6.05 -4.53
CA MET B 48 -19.51 6.16 -5.37
C MET B 48 -18.25 5.80 -4.55
N PHE B 49 -18.15 6.35 -3.34
CA PHE B 49 -17.17 5.95 -2.36
C PHE B 49 -17.22 4.43 -2.17
N PHE B 50 -18.43 3.91 -1.99
CA PHE B 50 -18.59 2.47 -1.75
C PHE B 50 -18.11 1.63 -2.97
N ALA B 51 -18.57 2.00 -4.15
CA ALA B 51 -18.20 1.31 -5.43
C ALA B 51 -16.69 1.23 -5.52
N ASP B 52 -16.00 2.32 -5.19
CA ASP B 52 -14.54 2.36 -5.34
C ASP B 52 -13.86 1.58 -4.19
N LEU B 53 -14.37 1.66 -2.95
CA LEU B 53 -13.78 1.00 -1.84
C LEU B 53 -13.87 -0.52 -1.96
N VAL B 54 -15.03 -1.04 -2.34
CA VAL B 54 -15.22 -2.50 -2.30
C VAL B 54 -14.29 -3.17 -3.30
N ARG B 55 -14.02 -2.46 -4.39
CA ARG B 55 -13.19 -3.01 -5.42
C ARG B 55 -11.75 -3.22 -4.93
N LYS B 56 -11.32 -2.62 -3.81
CA LYS B 56 -9.96 -2.72 -3.31
C LYS B 56 -9.91 -3.58 -2.07
N LEU B 57 -11.05 -4.08 -1.60
CA LEU B 57 -11.05 -4.99 -0.47
C LEU B 57 -10.79 -6.42 -0.97
N ARG B 58 -10.18 -7.24 -0.10
CA ARG B 58 -9.68 -8.54 -0.37
C ARG B 58 -10.02 -9.50 0.76
N ILE B 59 -11.04 -9.16 1.54
CA ILE B 59 -11.53 -9.98 2.59
C ILE B 59 -12.84 -10.59 2.14
N ASP B 60 -13.25 -11.64 2.83
CA ASP B 60 -14.60 -12.24 2.71
C ASP B 60 -15.67 -11.19 3.11
N LEU B 61 -16.63 -10.94 2.20
CA LEU B 61 -17.50 -9.76 2.30
C LEU B 61 -18.96 -10.15 2.00
N ARG B 62 -19.88 -9.59 2.75
CA ARG B 62 -21.27 -9.41 2.34
C ARG B 62 -21.53 -7.92 2.21
N THR B 63 -22.36 -7.48 1.25
CA THR B 63 -22.72 -6.07 1.14
C THR B 63 -24.23 -5.94 1.39
N GLN B 64 -24.59 -4.87 2.07
CA GLN B 64 -25.95 -4.49 2.41
C GLN B 64 -26.11 -2.97 2.17
N PHE B 65 -27.34 -2.51 2.05
CA PHE B 65 -27.68 -1.14 1.70
C PHE B 65 -28.78 -0.62 2.64
N ILE B 66 -28.61 0.62 3.09
CA ILE B 66 -29.62 1.32 3.91
C ILE B 66 -29.70 2.74 3.34
N THR B 67 -30.90 3.32 3.27
CA THR B 67 -31.08 4.71 2.86
C THR B 67 -31.38 5.62 4.06
N ALA B 68 -30.63 6.71 4.14
CA ALA B 68 -30.82 7.75 5.11
C ALA B 68 -31.25 9.00 4.34
N SER B 69 -32.37 9.57 4.73
CA SER B 69 -32.86 10.87 4.18
C SER B 69 -32.92 11.91 5.31
N SER B 70 -32.18 13.01 5.12
CA SER B 70 -32.30 14.29 5.87
C SER B 70 -33.27 15.25 5.18
N THR B 80 -34.99 15.86 10.88
CA THR B 80 -35.46 14.46 10.85
C THR B 80 -34.63 13.61 9.87
N VAL B 81 -34.17 12.49 10.40
CA VAL B 81 -33.51 11.45 9.62
C VAL B 81 -34.49 10.27 9.55
N THR B 82 -34.79 9.81 8.34
CA THR B 82 -35.46 8.55 8.15
C THR B 82 -34.47 7.58 7.51
N LEU B 83 -34.29 6.42 8.16
CA LEU B 83 -33.64 5.26 7.66
C LEU B 83 -34.68 4.35 7.04
N THR B 84 -34.37 3.84 5.85
CA THR B 84 -35.12 2.76 5.17
C THR B 84 -34.17 1.60 4.91
N GLU B 85 -34.56 0.39 5.29
CA GLU B 85 -33.78 -0.81 5.03
C GLU B 85 -33.99 -1.29 3.58
N THR B 86 -33.37 -0.57 2.64
CA THR B 86 -33.33 -0.80 1.19
C THR B 86 -33.00 -2.30 0.91
N SER B 87 -31.89 -2.77 1.49
CA SER B 87 -31.55 -4.14 1.36
C SER B 87 -30.63 -4.50 2.51
N LEU B 88 -31.25 -4.71 3.69
CA LEU B 88 -30.54 -4.95 4.93
C LEU B 88 -31.34 -5.98 5.71
N LYS B 89 -30.82 -7.20 5.78
CA LYS B 89 -31.50 -8.27 6.37
C LYS B 89 -30.80 -8.67 7.67
N GLU B 90 -31.61 -8.93 8.70
CA GLU B 90 -31.13 -9.28 10.04
C GLU B 90 -30.04 -10.37 10.00
N GLU B 91 -30.17 -11.39 9.16
CA GLU B 91 -29.18 -12.49 9.14
C GLU B 91 -27.77 -12.05 8.64
N TYR B 92 -27.58 -10.85 8.02
CA TYR B 92 -26.23 -10.44 7.65
C TYR B 92 -25.64 -9.42 8.63
N VAL B 93 -26.42 -9.07 9.66
CA VAL B 93 -25.97 -8.27 10.78
C VAL B 93 -25.78 -9.11 12.05
N LYS B 94 -26.77 -9.91 12.46
CA LYS B 94 -26.73 -10.62 13.77
C LYS B 94 -25.45 -11.43 13.89
N ASP B 95 -24.65 -11.14 14.91
CA ASP B 95 -23.37 -11.83 15.22
C ASP B 95 -22.36 -11.70 14.07
N LYS B 96 -22.45 -10.66 13.25
CA LYS B 96 -21.44 -10.40 12.24
C LYS B 96 -20.59 -9.16 12.53
N ASN B 97 -19.49 -9.03 11.77
CA ASN B 97 -18.70 -7.84 11.81
C ASN B 97 -19.29 -6.85 10.78
N ILE B 98 -19.78 -5.71 11.24
CA ILE B 98 -20.31 -4.65 10.43
C ILE B 98 -19.33 -3.48 10.33
N ILE B 99 -19.20 -2.98 9.12
CA ILE B 99 -18.73 -1.61 8.93
C ILE B 99 -19.76 -0.82 8.10
N ILE B 100 -20.20 0.31 8.65
CA ILE B 100 -21.06 1.27 8.03
C ILE B 100 -20.20 2.26 7.24
N ILE B 101 -20.55 2.43 5.98
CA ILE B 101 -19.85 3.25 5.06
C ILE B 101 -20.74 4.43 4.70
N GLU B 102 -20.22 5.60 5.01
CA GLU B 102 -20.98 6.81 4.92
C GLU B 102 -20.17 7.86 4.16
N ASP B 103 -20.85 8.85 3.59
CA ASP B 103 -20.16 9.88 2.81
C ASP B 103 -19.68 11.03 3.72
N ILE B 104 -20.54 11.51 4.62
CA ILE B 104 -20.14 12.59 5.49
C ILE B 104 -20.79 12.48 6.88
N VAL B 105 -20.07 12.91 7.91
CA VAL B 105 -20.57 13.15 9.24
C VAL B 105 -20.35 14.63 9.45
N ASP B 106 -21.41 15.36 9.77
CA ASP B 106 -21.46 16.81 10.01
C ASP B 106 -21.98 17.06 11.43
N THR B 107 -23.25 16.71 11.76
CA THR B 107 -23.76 16.96 13.14
C THR B 107 -23.58 15.72 14.02
N GLY B 108 -23.52 14.55 13.39
CA GLY B 108 -23.48 13.32 14.12
C GLY B 108 -24.86 12.77 14.39
N HIS B 109 -25.88 13.44 13.89
CA HIS B 109 -27.26 13.01 14.10
C HIS B 109 -27.57 11.72 13.33
N THR B 110 -27.20 11.69 12.04
CA THR B 110 -27.39 10.47 11.24
C THR B 110 -26.54 9.34 11.81
N TYR B 111 -25.31 9.68 12.22
CA TYR B 111 -24.40 8.71 12.80
C TYR B 111 -25.05 7.89 13.91
N HIS B 112 -25.62 8.55 14.97
CA HIS B 112 -26.15 7.77 16.09
C HIS B 112 -27.43 7.05 15.66
N LYS B 113 -28.24 7.63 14.78
CA LYS B 113 -29.44 6.91 14.29
C LYS B 113 -29.03 5.62 13.52
N LEU B 114 -27.93 5.67 12.73
CA LEU B 114 -27.41 4.46 12.06
C LEU B 114 -26.90 3.41 13.08
N ILE B 115 -26.03 3.79 14.04
CA ILE B 115 -25.53 2.89 15.08
C ILE B 115 -26.76 2.25 15.78
N GLU B 116 -27.79 3.05 16.08
CA GLU B 116 -28.98 2.49 16.83
C GLU B 116 -29.74 1.47 15.93
N GLY B 117 -29.94 1.81 14.64
CA GLY B 117 -30.75 1.02 13.67
C GLY B 117 -30.07 -0.28 13.25
N ILE B 118 -28.76 -0.28 13.06
CA ILE B 118 -28.06 -1.51 12.75
C ILE B 118 -27.84 -2.27 14.06
N GLY B 119 -27.44 -1.56 15.10
CA GLY B 119 -27.03 -2.21 16.36
C GLY B 119 -28.16 -2.99 17.06
N LYS B 120 -29.41 -2.67 16.72
CA LYS B 120 -30.53 -3.33 17.36
C LYS B 120 -30.63 -4.79 16.88
N TYR B 121 -29.98 -5.15 15.76
CA TYR B 121 -29.88 -6.55 15.28
C TYR B 121 -28.72 -7.31 15.92
N ASN B 122 -27.97 -6.68 16.84
CA ASN B 122 -26.96 -7.32 17.67
C ASN B 122 -25.82 -7.89 16.81
N PRO B 123 -25.06 -7.02 16.11
CA PRO B 123 -23.84 -7.46 15.42
C PRO B 123 -22.79 -7.85 16.47
N LYS B 124 -21.81 -8.67 16.09
CA LYS B 124 -20.67 -9.01 16.93
C LYS B 124 -19.76 -7.78 17.07
N THR B 125 -19.49 -7.05 15.96
CA THR B 125 -18.78 -5.78 16.05
C THR B 125 -19.46 -4.78 15.12
N LEU B 126 -19.26 -3.48 15.39
CA LEU B 126 -19.87 -2.44 14.62
C LEU B 126 -18.87 -1.31 14.48
N LYS B 127 -18.34 -1.07 13.29
CA LYS B 127 -17.49 0.09 13.05
C LYS B 127 -18.17 1.05 12.05
N PHE B 128 -17.72 2.29 12.09
CA PHE B 128 -18.20 3.39 11.26
C PHE B 128 -17.03 4.01 10.50
N ALA B 129 -17.11 4.00 9.16
CA ALA B 129 -16.25 4.72 8.26
C ALA B 129 -16.99 5.84 7.51
N THR B 130 -16.29 6.95 7.30
CA THR B 130 -16.81 8.06 6.62
C THR B 130 -15.72 8.64 5.75
N LEU B 131 -16.09 9.07 4.54
CA LEU B 131 -15.14 9.69 3.65
C LEU B 131 -14.80 11.09 4.22
N LEU B 132 -15.83 11.83 4.66
CA LEU B 132 -15.63 13.19 5.12
C LEU B 132 -16.19 13.36 6.51
N PHE B 133 -15.47 14.13 7.33
CA PHE B 133 -15.85 14.51 8.65
C PHE B 133 -15.72 16.01 8.79
N LYS B 134 -16.84 16.66 9.14
CA LYS B 134 -16.98 18.10 9.30
C LYS B 134 -17.31 18.34 10.77
N PRO B 135 -16.29 18.41 11.63
CA PRO B 135 -16.52 18.41 13.08
C PRO B 135 -17.24 19.67 13.61
N ALA B 136 -17.34 20.77 12.84
CA ALA B 136 -18.18 21.84 13.24
C ALA B 136 -19.60 21.32 13.43
N ARG B 137 -20.27 21.98 14.38
CA ARG B 137 -21.66 21.80 14.73
C ARG B 137 -21.97 20.34 15.09
N LEU B 138 -21.02 19.55 15.57
CA LEU B 138 -21.36 18.26 16.15
C LEU B 138 -22.36 18.43 17.31
N GLU B 139 -23.37 17.56 17.40
CA GLU B 139 -24.38 17.64 18.48
C GLU B 139 -23.98 16.71 19.63
N ARG B 140 -22.94 15.91 19.46
CA ARG B 140 -22.56 14.91 20.40
C ARG B 140 -21.09 14.54 20.15
N ASP B 141 -20.51 13.80 21.08
CA ASP B 141 -19.23 13.11 20.79
C ASP B 141 -19.48 11.90 19.88
N VAL B 142 -18.59 11.71 18.91
CA VAL B 142 -18.62 10.52 18.03
C VAL B 142 -17.26 9.82 18.04
N LYS B 143 -17.31 8.50 17.82
CA LYS B 143 -16.19 7.52 17.66
C LYS B 143 -16.21 7.05 16.23
N LEU B 144 -15.46 7.76 15.39
CA LEU B 144 -15.34 7.41 13.99
C LEU B 144 -14.12 6.48 13.88
N ASP B 145 -14.32 5.24 13.48
CA ASP B 145 -13.24 4.21 13.33
C ASP B 145 -12.31 4.52 12.15
N TYR B 146 -12.86 5.10 11.08
CA TYR B 146 -12.11 5.44 9.89
C TYR B 146 -12.68 6.74 9.34
N VAL B 147 -11.75 7.60 8.95
CA VAL B 147 -12.06 8.91 8.38
C VAL B 147 -11.08 9.09 7.25
N CYS B 148 -11.53 9.44 6.04
CA CYS B 148 -10.61 9.73 4.99
C CYS B 148 -10.15 11.18 5.12
N PHE B 149 -11.04 12.15 5.37
CA PHE B 149 -10.73 13.58 5.32
C PHE B 149 -11.53 14.34 6.36
N GLU B 150 -10.81 15.07 7.19
CA GLU B 150 -11.39 15.96 8.12
C GLU B 150 -11.46 17.30 7.38
N ILE B 151 -12.64 17.89 7.16
CA ILE B 151 -12.71 19.10 6.34
C ILE B 151 -13.28 20.28 7.16
N GLU B 152 -13.12 21.48 6.59
CA GLU B 152 -13.63 22.74 7.12
C GLU B 152 -15.14 22.81 6.85
N ASP B 153 -15.77 23.70 7.60
CA ASP B 153 -17.20 23.96 7.50
C ASP B 153 -17.56 24.66 6.17
N LYS B 154 -17.61 23.93 5.07
CA LYS B 154 -17.99 24.50 3.80
C LYS B 154 -19.01 23.57 3.14
N PHE B 155 -19.81 24.14 2.28
CA PHE B 155 -20.74 23.45 1.43
C PHE B 155 -19.97 22.71 0.33
N ILE B 156 -19.88 21.39 0.42
CA ILE B 156 -19.11 20.62 -0.58
C ILE B 156 -20.07 19.68 -1.33
N VAL B 157 -19.69 19.29 -2.52
CA VAL B 157 -20.49 18.44 -3.37
C VAL B 157 -19.51 17.58 -4.20
N GLY B 158 -20.07 16.66 -4.97
CA GLY B 158 -19.35 15.81 -5.88
C GLY B 158 -18.99 14.47 -5.26
N TYR B 159 -18.46 13.59 -6.11
CA TYR B 159 -18.08 12.23 -5.74
C TYR B 159 -19.22 11.54 -5.05
N GLY B 160 -20.41 11.65 -5.60
CA GLY B 160 -21.50 11.05 -4.91
C GLY B 160 -22.39 11.97 -4.16
N LEU B 161 -21.86 13.07 -3.59
CA LEU B 161 -22.65 13.98 -2.74
C LEU B 161 -23.44 14.99 -3.61
N ASP B 162 -24.73 15.16 -3.33
CA ASP B 162 -25.62 15.97 -4.20
C ASP B 162 -26.03 17.29 -3.50
N PHE B 163 -26.57 18.20 -4.30
CA PHE B 163 -27.48 19.16 -3.84
C PHE B 163 -28.66 19.15 -4.81
N ASP B 164 -29.89 18.83 -4.33
CA ASP B 164 -31.11 18.75 -5.20
C ASP B 164 -30.79 17.91 -6.46
N GLU B 165 -30.13 16.77 -6.32
CA GLU B 165 -29.86 15.84 -7.42
C GLU B 165 -28.81 16.34 -8.43
N LYS B 166 -28.10 17.42 -8.10
CA LYS B 166 -27.00 17.92 -8.90
C LYS B 166 -25.67 17.48 -8.29
N TYR B 167 -24.65 17.40 -9.14
CA TYR B 167 -23.20 17.39 -8.77
C TYR B 167 -22.65 16.00 -8.41
N ARG B 168 -23.52 14.98 -8.25
CA ARG B 168 -23.06 13.60 -7.82
C ARG B 168 -21.98 13.07 -8.80
N GLU B 169 -22.04 13.54 -10.04
CA GLU B 169 -21.31 13.02 -11.16
C GLU B 169 -19.86 13.51 -11.14
N LEU B 170 -19.53 14.50 -10.31
CA LEU B 170 -18.21 15.09 -10.33
C LEU B 170 -17.22 14.06 -9.81
N PRO B 171 -16.02 13.87 -10.40
CA PRO B 171 -15.06 12.88 -9.86
C PRO B 171 -14.28 13.33 -8.63
N TYR B 172 -14.51 14.57 -8.19
CA TYR B 172 -13.77 15.25 -7.18
C TYR B 172 -14.79 15.79 -6.19
N ILE B 173 -14.36 16.12 -4.98
CA ILE B 173 -15.11 16.95 -4.05
C ILE B 173 -14.87 18.42 -4.45
N GLY B 174 -15.96 19.16 -4.66
CA GLY B 174 -15.92 20.54 -5.11
C GLY B 174 -16.55 21.50 -4.12
N LEU B 175 -16.13 22.76 -4.19
CA LEU B 175 -16.87 23.92 -3.55
C LEU B 175 -17.69 24.58 -4.64
N ILE B 176 -18.78 25.20 -4.25
CA ILE B 176 -19.59 25.88 -5.22
C ILE B 176 -19.11 27.34 -5.33
N LYS B 177 -18.98 27.87 -6.54
CA LYS B 177 -18.66 29.31 -6.68
C LYS B 177 -19.87 30.21 -6.38
N THR C 2 23.36 20.92 2.18
CA THR C 2 24.86 20.67 2.40
C THR C 2 25.10 19.26 2.97
N TYR C 3 26.30 18.75 2.69
CA TYR C 3 26.90 17.55 3.31
C TYR C 3 26.84 17.65 4.86
N SER C 4 26.25 16.62 5.49
CA SER C 4 26.00 16.46 6.98
C SER C 4 27.28 16.53 7.86
N ALA C 5 28.45 16.18 7.30
CA ALA C 5 29.74 16.25 8.01
C ALA C 5 29.98 17.66 8.58
N GLU C 6 29.56 18.71 7.86
CA GLU C 6 29.73 20.18 8.28
C GLU C 6 29.11 20.45 9.65
N ASN C 7 28.10 19.65 9.96
CA ASN C 7 27.40 19.76 11.20
C ASN C 7 27.97 18.91 12.35
N THR C 8 29.15 18.28 12.17
CA THR C 8 29.64 17.36 13.19
C THR C 8 31.12 17.63 13.52
N GLU C 9 31.55 17.09 14.65
CA GLU C 9 32.98 17.05 15.06
C GLU C 9 33.36 15.55 15.11
N VAL C 10 34.58 15.22 14.72
CA VAL C 10 35.03 13.88 14.67
C VAL C 10 35.29 13.43 16.10
N TYR C 11 34.77 12.28 16.51
CA TYR C 11 35.00 11.73 17.82
C TYR C 11 35.86 10.45 17.77
N ILE C 12 35.57 9.53 16.86
CA ILE C 12 36.43 8.34 16.52
C ILE C 12 36.60 8.31 15.00
N THR C 13 37.84 8.29 14.55
CA THR C 13 38.09 8.50 13.20
C THR C 13 37.77 7.21 12.45
N SER C 14 37.74 7.35 11.14
CA SER C 14 37.38 6.21 10.38
C SER C 14 38.53 5.19 10.35
N GLN C 15 39.78 5.64 10.40
CA GLN C 15 40.96 4.72 10.53
C GLN C 15 40.94 4.02 11.90
N GLN C 16 40.57 4.77 12.95
CA GLN C 16 40.43 4.14 14.27
C GLN C 16 39.34 3.05 14.24
N LEU C 17 38.21 3.30 13.59
CA LEU C 17 37.16 2.27 13.51
C LEU C 17 37.67 1.04 12.77
N GLU C 18 38.31 1.27 11.64
CA GLU C 18 38.89 0.20 10.79
C GLU C 18 39.80 -0.70 11.65
N GLN C 19 40.66 -0.09 12.46
CA GLN C 19 41.62 -0.82 13.22
C GLN C 19 40.89 -1.55 14.37
N ALA C 20 39.86 -0.98 15.02
CA ALA C 20 39.10 -1.78 16.05
C ALA C 20 38.35 -2.96 15.40
N VAL C 21 37.82 -2.77 14.21
CA VAL C 21 37.07 -3.82 13.57
C VAL C 21 38.03 -4.96 13.16
N THR C 22 39.21 -4.61 12.61
CA THR C 22 40.28 -5.53 12.40
C THR C 22 40.62 -6.25 13.70
N ARG C 23 40.77 -5.54 14.83
CA ARG C 23 41.08 -6.24 16.08
C ARG C 23 39.96 -7.22 16.45
N LEU C 24 38.69 -6.84 16.28
CA LEU C 24 37.58 -7.67 16.67
C LEU C 24 37.47 -8.91 15.75
N ALA C 25 37.76 -8.78 14.45
CA ALA C 25 37.70 -9.93 13.55
C ALA C 25 38.75 -10.99 13.93
N GLU C 26 39.99 -10.59 14.22
CA GLU C 26 41.11 -11.39 14.71
C GLU C 26 40.68 -12.16 15.98
N GLN C 27 40.23 -11.46 17.03
CA GLN C 27 39.67 -12.10 18.27
C GLN C 27 38.69 -13.20 17.84
N ILE C 28 37.71 -12.89 16.97
CA ILE C 28 36.61 -13.89 16.66
C ILE C 28 37.15 -15.06 15.81
N ASN C 29 38.03 -14.77 14.85
CA ASN C 29 38.72 -15.77 14.00
C ASN C 29 39.56 -16.75 14.87
N GLN C 30 40.12 -16.25 15.99
CA GLN C 30 40.89 -17.05 16.95
C GLN C 30 39.94 -17.78 17.89
N ASP C 31 39.00 -17.07 18.51
CA ASP C 31 38.09 -17.72 19.46
C ASP C 31 37.33 -18.86 18.78
N TYR C 32 37.07 -18.78 17.48
CA TYR C 32 36.19 -19.78 16.86
C TYR C 32 36.86 -20.52 15.70
N SER C 33 38.19 -20.59 15.75
CA SER C 33 39.02 -21.34 14.82
C SER C 33 38.45 -22.74 14.65
N GLY C 34 38.24 -23.13 13.39
CA GLY C 34 37.66 -24.38 12.96
C GLY C 34 36.24 -24.61 13.48
N GLN C 35 35.50 -23.59 13.93
CA GLN C 35 34.09 -23.87 14.18
C GLN C 35 33.24 -23.02 13.23
N GLN C 36 31.92 -23.20 13.32
CA GLN C 36 30.92 -22.46 12.60
C GLN C 36 30.16 -21.50 13.53
N VAL C 37 29.88 -20.27 13.04
CA VAL C 37 29.28 -19.13 13.85
C VAL C 37 28.15 -18.45 13.07
N THR C 38 27.03 -18.20 13.74
CA THR C 38 25.99 -17.41 13.15
C THR C 38 26.12 -16.01 13.76
N LEU C 39 26.45 -15.04 12.90
CA LEU C 39 26.49 -13.60 13.19
C LEU C 39 25.12 -12.98 12.94
N VAL C 40 24.58 -12.36 14.00
CA VAL C 40 23.29 -11.73 14.02
C VAL C 40 23.46 -10.20 14.10
N CYS C 41 23.19 -9.57 12.96
CA CYS C 41 23.18 -8.14 12.83
C CYS C 41 21.87 -7.59 13.40
N VAL C 42 21.96 -6.63 14.33
CA VAL C 42 20.84 -5.91 14.85
C VAL C 42 20.67 -4.61 14.07
N LEU C 43 19.79 -4.67 13.07
CA LEU C 43 19.38 -3.50 12.25
C LEU C 43 18.67 -2.49 13.15
N LYS C 44 18.69 -1.20 12.77
CA LYS C 44 19.31 -0.71 11.52
C LYS C 44 20.76 -0.28 11.70
N GLY C 45 21.06 0.31 12.88
CA GLY C 45 22.29 1.00 13.21
C GLY C 45 23.58 0.22 12.99
N SER C 46 23.55 -1.09 13.17
N SER C 46 23.48 -1.11 13.15
CA SER C 46 24.81 -1.84 13.10
CA SER C 46 24.62 -2.01 13.13
C SER C 46 25.12 -2.32 11.67
C SER C 46 25.10 -2.32 11.69
N PHE C 47 24.32 -1.96 10.65
CA PHE C 47 24.54 -2.44 9.29
C PHE C 47 25.94 -2.12 8.74
N MET C 48 26.49 -0.94 9.00
CA MET C 48 27.78 -0.56 8.47
C MET C 48 28.94 -1.31 9.18
N PHE C 49 28.94 -1.30 10.51
CA PHE C 49 29.80 -2.12 11.35
C PHE C 49 29.77 -3.60 10.92
N PHE C 50 28.56 -4.09 10.75
CA PHE C 50 28.44 -5.52 10.34
C PHE C 50 29.06 -5.76 8.97
N ALA C 51 28.78 -4.86 8.02
CA ALA C 51 29.35 -5.00 6.69
C ALA C 51 30.88 -5.04 6.73
N ASP C 52 31.52 -4.18 7.55
CA ASP C 52 32.94 -4.15 7.55
C ASP C 52 33.48 -5.38 8.32
N LEU C 53 32.79 -5.77 9.39
CA LEU C 53 33.24 -6.89 10.23
C LEU C 53 33.24 -8.23 9.49
N VAL C 54 32.14 -8.56 8.80
CA VAL C 54 32.01 -9.86 8.21
C VAL C 54 33.02 -10.05 7.04
N ARG C 55 33.45 -8.97 6.37
CA ARG C 55 34.40 -9.15 5.28
C ARG C 55 35.79 -9.52 5.81
N LYS C 56 36.04 -9.26 7.10
CA LYS C 56 37.32 -9.59 7.71
C LYS C 56 37.32 -10.97 8.40
N LEU C 57 36.16 -11.60 8.52
CA LEU C 57 36.07 -12.90 9.19
C LEU C 57 36.51 -13.99 8.21
N ARG C 58 37.24 -14.99 8.73
CA ARG C 58 37.71 -16.13 7.94
C ARG C 58 37.23 -17.47 8.51
N ILE C 59 36.12 -17.49 9.27
CA ILE C 59 35.60 -18.74 9.84
C ILE C 59 34.35 -19.09 9.04
N ASP C 60 33.92 -20.36 9.13
CA ASP C 60 32.66 -20.82 8.61
C ASP C 60 31.55 -20.01 9.30
N LEU C 61 30.65 -19.46 8.50
CA LEU C 61 29.82 -18.30 8.91
C LEU C 61 28.41 -18.45 8.35
N ARG C 62 27.42 -18.11 9.19
CA ARG C 62 26.08 -17.84 8.70
C ARG C 62 25.72 -16.41 9.15
N THR C 63 24.81 -15.75 8.40
CA THR C 63 24.35 -14.39 8.71
C THR C 63 22.84 -14.39 8.82
N GLN C 64 22.34 -13.65 9.82
CA GLN C 64 20.92 -13.42 10.08
C GLN C 64 20.77 -11.95 10.49
N PHE C 65 19.58 -11.40 10.27
CA PHE C 65 19.24 -10.02 10.63
C PHE C 65 18.04 -10.03 11.57
N ILE C 66 18.06 -9.14 12.58
CA ILE C 66 16.90 -8.82 13.42
C ILE C 66 16.86 -7.31 13.61
N THR C 67 15.77 -6.80 14.19
CA THR C 67 15.75 -5.44 14.84
C THR C 67 15.48 -5.60 16.37
N ALA C 68 15.69 -4.50 17.13
CA ALA C 68 15.42 -4.43 18.58
C ALA C 68 14.01 -4.95 18.94
N SER C 69 13.01 -4.58 18.14
CA SER C 69 11.58 -4.88 18.41
C SER C 69 11.17 -6.31 17.99
N SER C 70 12.08 -7.05 17.32
CA SER C 70 11.90 -8.48 16.97
C SER C 70 11.60 -9.34 18.22
N TYR C 71 11.88 -8.80 19.41
CA TYR C 71 11.63 -9.44 20.69
C TYR C 71 10.81 -8.45 21.54
N GLY C 72 9.79 -8.97 22.25
CA GLY C 72 8.63 -8.20 22.75
C GLY C 72 8.91 -7.46 24.04
N THR C 86 9.61 -11.63 13.04
CA THR C 86 11.02 -11.56 12.56
C THR C 86 12.01 -11.96 13.69
N SER C 87 11.57 -12.77 14.64
CA SER C 87 12.49 -13.44 15.57
C SER C 87 13.21 -14.56 14.83
N LEU C 88 14.47 -14.85 15.22
CA LEU C 88 15.21 -16.01 14.67
C LEU C 88 14.46 -17.33 14.89
N LYS C 89 14.03 -17.97 13.80
CA LYS C 89 13.37 -19.32 13.84
C LYS C 89 14.36 -20.34 14.42
N GLU C 90 13.80 -21.41 15.03
CA GLU C 90 14.49 -22.25 16.05
C GLU C 90 15.68 -23.00 15.43
N GLU C 91 15.53 -23.39 14.16
CA GLU C 91 16.55 -24.11 13.35
C GLU C 91 17.86 -23.31 13.24
N TYR C 92 17.76 -21.98 13.38
CA TYR C 92 18.87 -21.02 13.17
C TYR C 92 19.70 -20.81 14.45
N VAL C 93 19.11 -21.10 15.59
CA VAL C 93 19.74 -20.86 16.92
C VAL C 93 20.22 -22.19 17.50
N LYS C 94 19.26 -23.11 17.70
CA LYS C 94 19.40 -24.38 18.45
C LYS C 94 20.77 -24.99 18.11
N ASP C 95 21.62 -25.10 19.14
CA ASP C 95 22.93 -25.80 19.08
C ASP C 95 23.95 -25.08 18.19
N LYS C 96 23.68 -23.83 17.76
CA LYS C 96 24.68 -23.04 17.01
C LYS C 96 25.43 -22.11 17.94
N ASN C 97 26.60 -21.70 17.50
CA ASN C 97 27.32 -20.63 18.08
C ASN C 97 26.75 -19.33 17.51
N ILE C 98 26.16 -18.50 18.36
CA ILE C 98 25.66 -17.17 18.00
C ILE C 98 26.61 -16.10 18.55
N ILE C 99 26.86 -15.07 17.71
CA ILE C 99 27.28 -13.76 18.13
C ILE C 99 26.30 -12.71 17.62
N ILE C 100 25.75 -11.93 18.53
CA ILE C 100 24.88 -10.83 18.25
C ILE C 100 25.76 -9.57 18.02
N ILE C 101 25.54 -8.86 16.91
CA ILE C 101 26.37 -7.69 16.55
C ILE C 101 25.53 -6.43 16.70
N GLU C 102 25.95 -5.53 17.58
CA GLU C 102 25.18 -4.33 17.93
C GLU C 102 26.06 -3.08 17.72
N ASP C 103 25.43 -1.93 17.44
CA ASP C 103 26.14 -0.66 17.26
C ASP C 103 26.44 -0.03 18.64
N ILE C 104 25.45 0.01 19.54
CA ILE C 104 25.64 0.70 20.83
C ILE C 104 24.85 -0.01 21.94
N VAL C 105 25.46 -0.09 23.11
CA VAL C 105 24.86 -0.45 24.39
C VAL C 105 24.98 0.77 25.31
N ASP C 106 23.82 1.24 25.77
CA ASP C 106 23.63 2.47 26.55
C ASP C 106 23.00 2.00 27.90
N THR C 107 21.71 1.59 27.91
CA THR C 107 21.14 1.26 29.15
C THR C 107 21.25 -0.24 29.43
N GLY C 108 21.39 -1.07 28.38
CA GLY C 108 21.46 -2.49 28.51
C GLY C 108 20.10 -3.14 28.48
N HIS C 109 19.05 -2.36 28.31
CA HIS C 109 17.63 -2.86 28.19
C HIS C 109 17.49 -3.77 26.97
N THR C 110 17.93 -3.27 25.81
CA THR C 110 17.92 -4.07 24.56
C THR C 110 18.77 -5.30 24.80
N TYR C 111 19.93 -5.11 25.42
CA TYR C 111 20.83 -6.26 25.69
C TYR C 111 20.04 -7.37 26.38
N HIS C 112 19.29 -7.06 27.45
CA HIS C 112 18.69 -8.21 28.20
C HIS C 112 17.56 -8.83 27.38
N LYS C 113 16.78 -8.02 26.69
CA LYS C 113 15.72 -8.51 25.79
C LYS C 113 16.26 -9.54 24.78
N LEU C 114 17.36 -9.23 24.08
CA LEU C 114 17.92 -10.12 23.02
C LEU C 114 18.58 -11.38 23.63
N ILE C 115 19.22 -11.24 24.79
CA ILE C 115 19.87 -12.40 25.48
C ILE C 115 18.80 -13.41 25.93
N GLU C 116 17.71 -12.94 26.54
CA GLU C 116 16.64 -13.85 26.93
C GLU C 116 16.00 -14.37 25.64
N GLY C 117 15.60 -13.44 24.77
CA GLY C 117 14.93 -13.74 23.48
C GLY C 117 15.55 -14.90 22.71
N ILE C 118 16.84 -14.79 22.42
CA ILE C 118 17.58 -15.73 21.58
C ILE C 118 17.98 -16.96 22.40
N GLY C 119 18.18 -16.78 23.71
CA GLY C 119 18.49 -17.89 24.66
C GLY C 119 17.40 -18.95 24.78
N LYS C 120 16.16 -18.62 24.37
CA LYS C 120 14.98 -19.53 24.37
C LYS C 120 14.82 -20.27 23.03
N TYR C 121 15.94 -20.64 22.41
CA TYR C 121 15.96 -21.68 21.43
C TYR C 121 17.28 -22.47 21.58
N ASN C 122 17.99 -22.18 22.67
CA ASN C 122 19.04 -23.04 23.29
C ASN C 122 20.26 -23.17 22.38
N PRO C 123 20.97 -22.05 22.12
CA PRO C 123 22.22 -22.11 21.35
C PRO C 123 23.36 -22.82 22.10
N LYS C 124 24.27 -23.43 21.36
CA LYS C 124 25.52 -24.00 21.95
C LYS C 124 26.25 -22.89 22.74
N THR C 125 26.45 -21.72 22.11
CA THR C 125 26.99 -20.52 22.80
C THR C 125 26.31 -19.24 22.28
N LEU C 126 26.40 -18.19 23.08
CA LEU C 126 25.75 -16.92 22.84
C LEU C 126 26.63 -15.77 23.33
N LYS C 127 27.25 -15.05 22.40
CA LYS C 127 28.11 -13.94 22.76
C LYS C 127 27.50 -12.64 22.20
N PHE C 128 27.87 -11.51 22.81
CA PHE C 128 27.34 -10.21 22.44
C PHE C 128 28.52 -9.29 22.14
N ALA C 129 28.57 -8.70 20.93
CA ALA C 129 29.60 -7.69 20.57
C ALA C 129 28.92 -6.35 20.29
N THR C 130 29.56 -5.28 20.69
CA THR C 130 29.07 -3.98 20.43
C THR C 130 30.28 -3.14 20.00
N LEU C 131 30.04 -2.24 19.05
CA LEU C 131 30.99 -1.35 18.61
C LEU C 131 31.22 -0.34 19.75
N LEU C 132 30.13 0.21 20.26
CA LEU C 132 30.23 1.24 21.25
C LEU C 132 29.50 0.81 22.55
N PHE C 133 30.09 1.23 23.66
CA PHE C 133 29.58 0.92 24.98
C PHE C 133 29.59 2.17 25.86
N LYS C 134 28.40 2.67 26.29
CA LYS C 134 28.25 3.94 27.06
C LYS C 134 27.96 3.50 28.50
N PRO C 135 28.94 3.06 29.30
CA PRO C 135 28.65 2.40 30.56
C PRO C 135 27.94 3.24 31.64
N ALA C 136 27.98 4.56 31.52
CA ALA C 136 27.36 5.40 32.54
C ALA C 136 25.83 5.23 32.53
N ARG C 137 25.26 4.76 31.41
CA ARG C 137 23.81 4.74 31.37
C ARG C 137 23.23 3.38 31.86
N LEU C 138 24.04 2.40 32.25
CA LEU C 138 23.52 1.05 32.49
C LEU C 138 22.47 1.04 33.63
N GLU C 139 21.38 0.32 33.38
CA GLU C 139 20.27 0.19 34.25
C GLU C 139 20.49 -1.05 35.12
N ARG C 140 21.30 -1.99 34.61
CA ARG C 140 21.66 -3.24 35.29
C ARG C 140 23.00 -3.70 34.75
N ASP C 141 23.55 -4.76 35.37
CA ASP C 141 24.82 -5.31 34.95
C ASP C 141 24.65 -6.01 33.59
N VAL C 142 25.70 -5.97 32.77
CA VAL C 142 25.76 -6.66 31.48
C VAL C 142 27.10 -7.38 31.36
N LYS C 143 27.17 -8.45 30.59
CA LYS C 143 28.46 -9.04 30.31
C LYS C 143 28.67 -8.96 28.80
N LEU C 144 29.47 -7.99 28.36
CA LEU C 144 29.71 -7.83 26.93
C LEU C 144 30.94 -8.68 26.58
N ASP C 145 30.74 -9.61 25.65
CA ASP C 145 31.81 -10.52 25.21
C ASP C 145 32.85 -9.70 24.45
N TYR C 146 32.40 -8.75 23.62
CA TYR C 146 33.33 -7.92 22.84
C TYR C 146 32.82 -6.48 22.76
N VAL C 147 33.74 -5.53 22.95
CA VAL C 147 33.44 -4.12 22.95
C VAL C 147 34.56 -3.45 22.17
N CYS C 148 34.25 -2.64 21.13
CA CYS C 148 35.35 -2.00 20.41
C CYS C 148 35.77 -0.69 21.10
N PHE C 149 34.80 0.12 21.55
CA PHE C 149 35.06 1.35 22.24
C PHE C 149 34.09 1.54 23.40
N GLU C 150 34.66 1.87 24.54
CA GLU C 150 33.96 2.32 25.70
C GLU C 150 33.98 3.85 25.66
N ILE C 151 32.83 4.51 25.58
CA ILE C 151 32.81 5.91 25.27
C ILE C 151 32.12 6.67 26.41
N GLU C 152 32.24 7.99 26.39
CA GLU C 152 31.57 8.92 27.34
C GLU C 152 30.08 9.09 27.02
N ASP C 153 29.39 9.78 27.92
CA ASP C 153 27.95 9.84 27.96
C ASP C 153 27.50 10.98 27.04
N LYS C 154 27.72 10.79 25.73
CA LYS C 154 27.41 11.81 24.76
C LYS C 154 26.65 11.20 23.58
N PHE C 155 25.86 12.03 22.91
CA PHE C 155 25.09 11.62 21.77
C PHE C 155 26.04 11.59 20.58
N ILE C 156 26.19 10.44 19.93
CA ILE C 156 27.08 10.27 18.78
C ILE C 156 26.22 9.90 17.57
N VAL C 157 26.75 10.15 16.38
CA VAL C 157 26.20 9.81 15.10
C VAL C 157 27.35 9.34 14.20
N GLY C 158 27.01 8.83 13.01
CA GLY C 158 27.87 8.34 12.02
C GLY C 158 28.04 6.83 12.07
N TYR C 159 28.74 6.35 11.06
CA TYR C 159 29.13 4.98 10.92
C TYR C 159 27.90 4.09 11.06
N GLY C 160 26.80 4.48 10.40
CA GLY C 160 25.62 3.72 10.54
C GLY C 160 24.61 4.23 11.56
N LEU C 161 25.01 5.00 12.57
CA LEU C 161 24.11 5.48 13.63
C LEU C 161 23.50 6.80 13.17
N ASP C 162 22.18 6.96 13.37
CA ASP C 162 21.46 8.08 12.80
C ASP C 162 21.04 9.06 13.92
N PHE C 163 20.67 10.26 13.48
CA PHE C 163 19.77 11.12 14.17
C PHE C 163 18.70 11.58 13.17
N ASP C 164 17.46 11.18 13.44
CA ASP C 164 16.28 11.37 12.58
C ASP C 164 16.64 11.14 11.11
N GLU C 165 17.26 9.98 10.86
CA GLU C 165 17.57 9.45 9.51
C GLU C 165 18.72 10.25 8.85
N LYS C 166 19.35 11.15 9.61
CA LYS C 166 20.56 11.83 9.15
C LYS C 166 21.81 11.15 9.72
N TYR C 167 22.96 11.35 9.08
CA TYR C 167 24.32 11.09 9.61
C TYR C 167 24.78 9.63 9.49
N ARG C 168 23.90 8.71 9.09
CA ARG C 168 24.33 7.29 8.94
C ARG C 168 25.50 7.13 7.96
N GLU C 169 25.61 8.01 6.95
CA GLU C 169 26.58 7.94 5.90
C GLU C 169 27.98 8.38 6.34
N LEU C 170 28.13 9.10 7.45
CA LEU C 170 29.48 9.53 7.85
C LEU C 170 30.38 8.30 8.06
N PRO C 171 31.60 8.34 7.52
CA PRO C 171 32.53 7.24 7.72
C PRO C 171 33.15 7.16 9.13
N TYR C 172 32.88 8.15 9.97
CA TYR C 172 33.48 8.24 11.29
C TYR C 172 32.37 8.42 12.32
N ILE C 173 32.69 8.23 13.61
CA ILE C 173 31.75 8.49 14.67
C ILE C 173 31.96 9.95 15.08
N GLY C 174 30.90 10.78 14.99
CA GLY C 174 30.98 12.18 15.30
C GLY C 174 30.03 12.59 16.40
N LEU C 175 30.28 13.78 16.96
CA LEU C 175 29.29 14.52 17.81
C LEU C 175 28.60 15.60 16.99
N ILE C 176 27.33 15.89 17.31
CA ILE C 176 26.62 16.95 16.64
C ILE C 176 27.12 18.27 17.24
N LYS C 177 27.49 19.25 16.41
CA LYS C 177 28.00 20.58 16.90
C LYS C 177 26.88 21.32 17.66
N THR D 2 35.57 -24.73 7.64
CA THR D 2 36.20 -24.06 6.46
C THR D 2 35.48 -22.73 6.09
N TYR D 3 36.31 -21.70 5.88
CA TYR D 3 35.95 -20.43 5.27
C TYR D 3 35.25 -20.66 3.91
N SER D 4 34.13 -19.97 3.69
CA SER D 4 33.31 -20.10 2.49
C SER D 4 34.05 -19.78 1.16
N ALA D 5 35.16 -19.02 1.18
CA ALA D 5 35.88 -18.64 -0.06
C ALA D 5 36.37 -19.89 -0.82
N GLU D 6 36.78 -20.93 -0.07
CA GLU D 6 37.22 -22.27 -0.61
C GLU D 6 36.17 -22.86 -1.59
N ASN D 7 34.89 -22.60 -1.37
CA ASN D 7 33.80 -23.18 -2.16
C ASN D 7 33.40 -22.28 -3.33
N THR D 8 34.16 -21.21 -3.58
CA THR D 8 33.82 -20.20 -4.61
C THR D 8 35.03 -19.87 -5.48
N GLU D 9 34.71 -19.22 -6.59
CA GLU D 9 35.60 -18.65 -7.54
C GLU D 9 35.24 -17.15 -7.70
N VAL D 10 36.25 -16.28 -7.62
CA VAL D 10 36.04 -14.88 -7.77
C VAL D 10 35.44 -14.62 -9.16
N TYR D 11 34.36 -13.86 -9.20
CA TYR D 11 33.72 -13.43 -10.45
C TYR D 11 33.89 -11.90 -10.67
N ILE D 12 33.56 -11.05 -9.68
CA ILE D 12 33.91 -9.58 -9.70
C ILE D 12 34.77 -9.32 -8.45
N THR D 13 36.01 -8.82 -8.63
CA THR D 13 36.96 -8.68 -7.55
C THR D 13 36.48 -7.56 -6.64
N SER D 14 37.05 -7.50 -5.45
CA SER D 14 36.68 -6.45 -4.52
C SER D 14 37.18 -5.08 -5.00
N GLN D 15 38.31 -5.09 -5.77
CA GLN D 15 38.81 -3.87 -6.41
C GLN D 15 37.77 -3.41 -7.47
N GLN D 16 37.32 -4.32 -8.34
CA GLN D 16 36.29 -3.94 -9.31
C GLN D 16 35.03 -3.37 -8.61
N LEU D 17 34.63 -3.96 -7.49
CA LEU D 17 33.46 -3.49 -6.76
C LEU D 17 33.71 -2.08 -6.25
N GLU D 18 34.90 -1.84 -5.73
CA GLU D 18 35.23 -0.50 -5.13
C GLU D 18 35.26 0.56 -6.24
N GLN D 19 35.83 0.23 -7.41
CA GLN D 19 35.85 1.18 -8.55
C GLN D 19 34.41 1.49 -8.99
N ALA D 20 33.53 0.49 -9.12
CA ALA D 20 32.14 0.75 -9.58
C ALA D 20 31.34 1.53 -8.51
N VAL D 21 31.59 1.30 -7.22
CA VAL D 21 30.87 2.02 -6.19
C VAL D 21 31.33 3.47 -6.15
N THR D 22 32.64 3.68 -6.28
CA THR D 22 33.21 5.02 -6.55
C THR D 22 32.58 5.76 -7.74
N ARG D 23 32.57 5.17 -8.93
CA ARG D 23 31.91 5.78 -10.14
C ARG D 23 30.43 6.11 -9.84
N LEU D 24 29.69 5.22 -9.16
CA LEU D 24 28.28 5.45 -8.88
C LEU D 24 28.12 6.69 -7.97
N ALA D 25 28.96 6.78 -6.95
CA ALA D 25 28.90 7.83 -5.95
C ALA D 25 29.17 9.18 -6.64
N GLU D 26 30.16 9.21 -7.54
CA GLU D 26 30.44 10.43 -8.36
C GLU D 26 29.16 10.80 -9.15
N GLN D 27 28.50 9.83 -9.80
CA GLN D 27 27.36 10.16 -10.64
C GLN D 27 26.26 10.80 -9.77
N ILE D 28 26.02 10.23 -8.59
CA ILE D 28 24.99 10.69 -7.72
C ILE D 28 25.39 12.05 -7.19
N ASN D 29 26.67 12.21 -6.80
CA ASN D 29 27.13 13.42 -6.20
C ASN D 29 26.93 14.56 -7.21
N GLN D 30 27.19 14.32 -8.51
CA GLN D 30 27.03 15.34 -9.58
C GLN D 30 25.53 15.53 -9.94
N ASP D 31 24.79 14.45 -10.14
CA ASP D 31 23.37 14.55 -10.51
C ASP D 31 22.52 15.26 -9.46
N TYR D 32 22.90 15.19 -8.18
CA TYR D 32 22.08 15.76 -7.13
C TYR D 32 22.86 16.82 -6.35
N SER D 33 23.85 17.40 -7.01
CA SER D 33 24.63 18.54 -6.49
C SER D 33 23.70 19.61 -5.92
N GLY D 34 23.88 19.94 -4.63
CA GLY D 34 23.11 21.03 -3.98
C GLY D 34 21.67 20.64 -3.62
N GLN D 35 21.27 19.38 -3.81
CA GLN D 35 19.94 18.88 -3.44
C GLN D 35 20.01 17.81 -2.33
N GLN D 36 18.86 17.52 -1.73
CA GLN D 36 18.70 16.47 -0.74
C GLN D 36 18.07 15.23 -1.40
N VAL D 37 18.59 14.04 -1.00
CA VAL D 37 18.25 12.74 -1.53
C VAL D 37 18.03 11.82 -0.35
N THR D 38 16.94 11.06 -0.39
CA THR D 38 16.63 9.94 0.45
C THR D 38 16.99 8.67 -0.32
N LEU D 39 18.02 7.97 0.18
CA LEU D 39 18.51 6.70 -0.28
C LEU D 39 17.73 5.62 0.45
N VAL D 40 17.12 4.72 -0.28
CA VAL D 40 16.37 3.60 0.27
C VAL D 40 17.08 2.27 0.03
N CYS D 41 17.52 1.60 1.09
CA CYS D 41 18.28 0.37 1.02
C CYS D 41 17.29 -0.77 1.05
N VAL D 42 17.32 -1.60 0.03
CA VAL D 42 16.46 -2.76 -0.02
C VAL D 42 17.16 -3.94 0.64
N LEU D 43 16.85 -4.18 1.91
CA LEU D 43 17.38 -5.35 2.67
C LEU D 43 16.85 -6.63 2.04
N LYS D 44 17.57 -7.74 2.23
CA LYS D 44 18.78 -7.82 3.03
C LYS D 44 20.05 -7.58 2.18
N GLY D 45 19.96 -8.04 0.94
CA GLY D 45 21.10 -8.26 0.06
C GLY D 45 21.87 -6.99 -0.30
N SER D 46 21.26 -5.80 -0.13
CA SER D 46 21.88 -4.60 -0.59
C SER D 46 22.68 -3.92 0.55
N PHE D 47 22.79 -4.54 1.74
CA PHE D 47 23.32 -3.88 2.90
C PHE D 47 24.80 -3.50 2.71
N MET D 48 25.61 -4.35 2.09
CA MET D 48 27.02 -4.06 2.04
C MET D 48 27.34 -3.02 0.94
N PHE D 49 26.70 -3.16 -0.21
CA PHE D 49 26.74 -2.17 -1.26
C PHE D 49 26.33 -0.78 -0.71
N PHE D 50 25.28 -0.80 0.09
CA PHE D 50 24.74 0.41 0.62
C PHE D 50 25.74 1.05 1.63
N ALA D 51 26.29 0.23 2.54
CA ALA D 51 27.29 0.68 3.48
C ALA D 51 28.47 1.35 2.74
N ASP D 52 28.85 0.80 1.61
CA ASP D 52 30.03 1.33 0.95
C ASP D 52 29.67 2.56 0.11
N LEU D 53 28.53 2.51 -0.55
CA LEU D 53 28.02 3.63 -1.37
C LEU D 53 27.85 4.87 -0.49
N VAL D 54 27.20 4.76 0.69
CA VAL D 54 26.85 6.01 1.39
C VAL D 54 28.08 6.76 1.94
N ARG D 55 29.13 6.04 2.31
CA ARG D 55 30.31 6.66 2.79
C ARG D 55 31.01 7.46 1.70
N LYS D 56 30.61 7.34 0.44
CA LYS D 56 31.23 8.07 -0.63
C LYS D 56 30.36 9.23 -1.08
N LEU D 57 29.16 9.34 -0.49
CA LEU D 57 28.20 10.42 -0.93
C LEU D 57 28.57 11.72 -0.19
N ARG D 58 28.45 12.87 -0.87
CA ARG D 58 28.85 14.21 -0.34
C ARG D 58 27.67 15.18 -0.41
N ILE D 59 26.48 14.65 -0.70
CA ILE D 59 25.28 15.43 -0.78
C ILE D 59 24.51 15.27 0.53
N ASP D 60 23.53 16.14 0.68
CA ASP D 60 22.60 16.14 1.80
C ASP D 60 21.74 14.91 1.62
N LEU D 61 21.65 14.11 2.69
CA LEU D 61 21.21 12.70 2.62
C LEU D 61 20.30 12.39 3.81
N ARG D 62 19.23 11.64 3.55
CA ARG D 62 18.47 10.84 4.48
C ARG D 62 18.55 9.39 3.99
N THR D 63 18.50 8.45 4.94
CA THR D 63 18.56 7.03 4.63
C THR D 63 17.33 6.36 5.23
N GLN D 64 16.83 5.35 4.49
CA GLN D 64 15.66 4.52 4.82
C GLN D 64 15.96 3.08 4.41
N PHE D 65 15.31 2.12 5.04
CA PHE D 65 15.46 0.71 4.81
C PHE D 65 14.07 0.11 4.58
N ILE D 66 13.92 -0.74 3.56
CA ILE D 66 12.74 -1.58 3.33
C ILE D 66 13.20 -2.99 3.02
N THR D 67 12.29 -3.94 3.02
CA THR D 67 12.60 -5.37 2.68
C THR D 67 11.77 -5.75 1.44
N ALA D 68 12.33 -6.54 0.52
CA ALA D 68 11.61 -6.88 -0.73
C ALA D 68 10.14 -7.26 -0.42
N SER D 69 9.93 -8.20 0.52
CA SER D 69 8.56 -8.70 0.96
C SER D 69 7.43 -7.71 0.65
N SER D 70 7.62 -6.43 1.02
CA SER D 70 6.68 -5.32 0.79
C SER D 70 7.39 -4.16 0.04
N LYS D 89 7.18 5.53 5.79
CA LYS D 89 5.81 6.03 5.54
C LYS D 89 5.88 7.37 4.76
N GLU D 90 4.71 7.86 4.35
CA GLU D 90 4.48 8.96 3.35
C GLU D 90 5.46 10.14 3.51
N GLU D 91 5.76 10.56 4.76
CA GLU D 91 6.49 11.83 5.04
C GLU D 91 7.93 11.83 4.49
N TYR D 92 8.51 10.63 4.34
CA TYR D 92 9.88 10.41 3.87
C TYR D 92 9.95 10.28 2.33
N VAL D 93 8.80 10.21 1.66
CA VAL D 93 8.76 10.08 0.23
C VAL D 93 8.20 11.33 -0.42
N LYS D 94 7.05 11.80 0.06
CA LYS D 94 6.31 12.86 -0.62
C LYS D 94 7.22 14.07 -0.85
N ASP D 95 7.43 14.42 -2.13
CA ASP D 95 8.16 15.64 -2.58
C ASP D 95 9.68 15.53 -2.37
N LYS D 96 10.18 14.31 -2.15
CA LYS D 96 11.60 14.03 -1.99
C LYS D 96 12.19 13.44 -3.27
N ASN D 97 13.51 13.59 -3.41
CA ASN D 97 14.26 12.81 -4.33
C ASN D 97 14.55 11.44 -3.66
N ILE D 98 14.01 10.34 -4.21
CA ILE D 98 14.30 8.97 -3.79
C ILE D 98 15.21 8.29 -4.82
N ILE D 99 16.27 7.66 -4.33
CA ILE D 99 16.95 6.64 -5.10
C ILE D 99 16.83 5.32 -4.34
N ILE D 100 16.27 4.30 -4.98
CA ILE D 100 16.19 2.95 -4.41
C ILE D 100 17.54 2.29 -4.71
N ILE D 101 18.12 1.63 -3.69
CA ILE D 101 19.37 0.91 -3.80
C ILE D 101 19.12 -0.61 -3.65
N GLU D 102 19.45 -1.33 -4.70
CA GLU D 102 19.17 -2.73 -4.83
C GLU D 102 20.49 -3.48 -5.12
N ASP D 103 20.56 -4.76 -4.70
CA ASP D 103 21.69 -5.65 -5.03
C ASP D 103 21.57 -6.19 -6.49
N ILE D 104 20.39 -6.61 -6.91
CA ILE D 104 20.24 -7.26 -8.23
C ILE D 104 18.81 -7.07 -8.77
N VAL D 105 18.76 -6.86 -10.09
CA VAL D 105 17.60 -6.96 -10.90
C VAL D 105 17.83 -8.15 -11.85
N ASP D 106 16.94 -9.14 -11.79
CA ASP D 106 16.98 -10.33 -12.62
C ASP D 106 15.73 -10.36 -13.50
N THR D 107 14.55 -10.50 -12.89
CA THR D 107 13.30 -10.60 -13.67
C THR D 107 12.61 -9.23 -13.78
N GLY D 108 12.97 -8.33 -12.89
CA GLY D 108 12.33 -6.99 -12.79
C GLY D 108 10.98 -7.01 -12.07
N HIS D 109 10.56 -8.15 -11.50
CA HIS D 109 9.31 -8.27 -10.73
C HIS D 109 9.40 -7.41 -9.43
N THR D 110 10.51 -7.51 -8.70
CA THR D 110 10.67 -6.65 -7.48
C THR D 110 10.73 -5.18 -7.89
N TYR D 111 11.50 -4.91 -8.94
CA TYR D 111 11.58 -3.59 -9.50
C TYR D 111 10.18 -2.96 -9.55
N HIS D 112 9.21 -3.60 -10.24
CA HIS D 112 7.95 -2.89 -10.49
C HIS D 112 7.15 -2.75 -9.20
N LYS D 113 7.19 -3.75 -8.32
CA LYS D 113 6.52 -3.62 -7.01
C LYS D 113 7.05 -2.42 -6.20
N LEU D 114 8.33 -2.08 -6.32
CA LEU D 114 8.89 -1.02 -5.49
C LEU D 114 8.56 0.33 -6.12
N ILE D 115 8.78 0.49 -7.42
CA ILE D 115 8.45 1.70 -8.14
C ILE D 115 6.95 2.02 -7.94
N GLU D 116 6.06 1.02 -8.09
CA GLU D 116 4.58 1.17 -7.79
C GLU D 116 4.38 1.51 -6.29
N GLY D 117 5.02 0.77 -5.39
CA GLY D 117 4.75 0.87 -3.95
C GLY D 117 5.17 2.22 -3.37
N ILE D 118 6.36 2.68 -3.75
CA ILE D 118 6.89 3.96 -3.29
C ILE D 118 6.30 5.16 -4.05
N GLY D 119 6.10 5.01 -5.37
CA GLY D 119 5.44 6.02 -6.24
C GLY D 119 4.04 6.44 -5.78
N LYS D 120 3.43 5.69 -4.86
CA LYS D 120 2.06 5.94 -4.33
C LYS D 120 2.03 7.18 -3.41
N TYR D 121 3.18 7.56 -2.86
CA TYR D 121 3.30 8.72 -1.98
C TYR D 121 3.89 9.93 -2.71
N ASN D 122 4.02 9.85 -4.03
CA ASN D 122 4.27 11.01 -4.91
C ASN D 122 5.61 11.64 -4.54
N PRO D 123 6.73 10.91 -4.72
CA PRO D 123 8.04 11.52 -4.59
C PRO D 123 8.19 12.65 -5.64
N LYS D 124 9.02 13.65 -5.37
CA LYS D 124 9.44 14.58 -6.42
C LYS D 124 10.09 13.84 -7.59
N THR D 125 11.04 12.93 -7.30
CA THR D 125 11.72 12.12 -8.33
C THR D 125 12.04 10.77 -7.69
N LEU D 126 12.16 9.75 -8.54
CA LEU D 126 12.32 8.36 -8.13
C LEU D 126 13.22 7.66 -9.13
N LYS D 127 14.47 7.36 -8.71
CA LYS D 127 15.46 6.67 -9.48
C LYS D 127 15.75 5.32 -8.83
N PHE D 128 16.29 4.43 -9.65
CA PHE D 128 16.54 3.05 -9.29
C PHE D 128 17.98 2.70 -9.67
N ALA D 129 18.75 2.33 -8.65
CA ALA D 129 20.17 1.93 -8.79
C ALA D 129 20.31 0.46 -8.38
N THR D 130 21.04 -0.30 -9.14
CA THR D 130 21.32 -1.67 -8.78
C THR D 130 22.80 -1.96 -8.97
N LEU D 131 23.33 -2.79 -8.08
CA LEU D 131 24.69 -3.23 -8.20
C LEU D 131 24.84 -4.13 -9.43
N LEU D 132 23.90 -5.07 -9.58
CA LEU D 132 23.96 -6.00 -10.66
C LEU D 132 22.64 -6.01 -11.45
N PHE D 133 22.78 -6.26 -12.74
CA PHE D 133 21.65 -6.38 -13.69
C PHE D 133 21.88 -7.66 -14.50
N LYS D 134 21.00 -8.65 -14.31
CA LYS D 134 21.01 -9.87 -15.12
C LYS D 134 19.86 -9.77 -16.13
N PRO D 135 20.06 -9.25 -17.36
CA PRO D 135 18.97 -9.08 -18.32
C PRO D 135 18.15 -10.32 -18.78
N ALA D 136 18.65 -11.53 -18.54
CA ALA D 136 17.91 -12.73 -18.87
C ALA D 136 16.70 -12.84 -17.94
N ARG D 137 15.58 -13.30 -18.53
CA ARG D 137 14.37 -13.66 -17.82
C ARG D 137 13.68 -12.37 -17.32
N LEU D 138 13.95 -11.29 -18.04
CA LEU D 138 13.33 -10.01 -17.79
C LEU D 138 11.85 -10.09 -18.21
N GLU D 139 10.95 -9.97 -17.23
CA GLU D 139 9.53 -10.19 -17.43
C GLU D 139 8.85 -8.96 -18.06
N ARG D 140 9.58 -7.84 -18.15
CA ARG D 140 9.04 -6.54 -18.59
C ARG D 140 10.19 -5.54 -18.78
N ASP D 141 9.83 -4.37 -19.29
CA ASP D 141 10.73 -3.24 -19.53
C ASP D 141 11.02 -2.56 -18.17
N VAL D 142 12.29 -2.24 -17.94
CA VAL D 142 12.71 -1.58 -16.70
C VAL D 142 13.53 -0.35 -17.10
N LYS D 143 13.34 0.76 -16.37
CA LYS D 143 14.28 1.89 -16.42
C LYS D 143 15.20 1.88 -15.19
N LEU D 144 16.45 1.41 -15.39
CA LEU D 144 17.52 1.43 -14.37
C LEU D 144 18.38 2.67 -14.61
N ASP D 145 18.33 3.60 -13.68
CA ASP D 145 19.04 4.87 -13.80
C ASP D 145 20.54 4.63 -13.55
N TYR D 146 20.87 3.65 -12.69
CA TYR D 146 22.28 3.35 -12.43
C TYR D 146 22.48 1.85 -12.28
N VAL D 147 23.49 1.38 -12.98
CA VAL D 147 23.83 0.00 -12.98
C VAL D 147 25.33 -0.12 -12.86
N CYS D 148 25.82 -0.91 -11.87
CA CYS D 148 27.27 -1.06 -11.76
C CYS D 148 27.76 -2.19 -12.68
N PHE D 149 27.05 -3.30 -12.80
CA PHE D 149 27.50 -4.40 -13.64
C PHE D 149 26.28 -5.12 -14.27
N GLU D 150 26.36 -5.27 -15.59
CA GLU D 150 25.58 -6.19 -16.38
C GLU D 150 26.28 -7.53 -16.32
N ILE D 151 25.63 -8.58 -15.86
CA ILE D 151 26.34 -9.83 -15.72
C ILE D 151 25.65 -10.93 -16.55
N GLU D 152 26.35 -12.05 -16.72
CA GLU D 152 25.79 -13.26 -17.31
C GLU D 152 24.81 -13.92 -16.32
N ASP D 153 24.01 -14.82 -16.88
CA ASP D 153 23.01 -15.60 -16.19
C ASP D 153 23.69 -16.70 -15.35
N LYS D 154 24.25 -16.32 -14.19
CA LYS D 154 24.94 -17.22 -13.28
C LYS D 154 24.35 -17.08 -11.87
N PHE D 155 24.62 -18.06 -11.02
CA PHE D 155 24.19 -17.92 -9.68
C PHE D 155 25.38 -17.39 -8.85
N ILE D 156 25.35 -16.07 -8.61
CA ILE D 156 26.42 -15.28 -7.94
C ILE D 156 26.05 -15.10 -6.47
N VAL D 157 27.07 -15.13 -5.61
CA VAL D 157 26.96 -14.89 -4.20
C VAL D 157 28.10 -13.93 -3.78
N GLY D 158 28.11 -13.56 -2.49
CA GLY D 158 29.08 -12.64 -1.92
C GLY D 158 28.62 -11.16 -1.92
N TYR D 159 29.39 -10.35 -1.23
CA TYR D 159 29.21 -8.86 -1.15
C TYR D 159 27.78 -8.58 -0.73
N GLY D 160 27.33 -9.36 0.24
CA GLY D 160 25.95 -9.25 0.80
C GLY D 160 24.91 -10.19 0.20
N LEU D 161 25.17 -10.76 -0.97
CA LEU D 161 24.21 -11.75 -1.53
C LEU D 161 24.52 -13.16 -0.98
N ASP D 162 23.46 -13.89 -0.62
CA ASP D 162 23.56 -15.15 0.09
C ASP D 162 23.17 -16.27 -0.87
N PHE D 163 23.47 -17.50 -0.42
CA PHE D 163 22.69 -18.73 -0.67
C PHE D 163 22.53 -19.46 0.68
N ASP D 164 21.28 -19.65 1.15
CA ASP D 164 21.00 -20.36 2.43
C ASP D 164 21.82 -19.74 3.58
N GLU D 165 21.78 -18.39 3.65
CA GLU D 165 22.41 -17.62 4.68
C GLU D 165 23.93 -17.77 4.64
N LYS D 166 24.47 -18.31 3.54
CA LYS D 166 25.93 -18.44 3.37
C LYS D 166 26.42 -17.36 2.40
N TYR D 167 27.71 -17.03 2.49
CA TYR D 167 28.51 -16.25 1.53
C TYR D 167 28.27 -14.73 1.53
N ARG D 168 27.36 -14.20 2.34
CA ARG D 168 27.15 -12.75 2.40
C ARG D 168 28.44 -12.01 2.75
N GLU D 169 29.32 -12.65 3.53
CA GLU D 169 30.47 -12.09 4.09
C GLU D 169 31.61 -11.92 3.06
N LEU D 170 31.50 -12.51 1.86
CA LEU D 170 32.57 -12.46 0.89
C LEU D 170 32.81 -11.01 0.48
N PRO D 171 34.07 -10.54 0.47
CA PRO D 171 34.38 -9.20 0.00
C PRO D 171 34.31 -9.02 -1.54
N TYR D 172 34.12 -10.11 -2.27
CA TYR D 172 33.94 -10.11 -3.72
C TYR D 172 32.62 -10.83 -4.09
N ILE D 173 32.20 -10.70 -5.36
CA ILE D 173 31.15 -11.46 -5.94
C ILE D 173 31.77 -12.75 -6.53
N GLY D 174 31.24 -13.89 -6.11
CA GLY D 174 31.78 -15.17 -6.46
C GLY D 174 30.72 -16.06 -7.10
N LEU D 175 31.21 -17.13 -7.75
CA LEU D 175 30.38 -18.30 -8.24
C LEU D 175 30.54 -19.50 -7.31
N ILE D 176 29.47 -20.28 -7.14
CA ILE D 176 29.60 -21.49 -6.35
C ILE D 176 30.14 -22.58 -7.29
N LYS D 177 31.24 -23.21 -6.86
CA LYS D 177 31.87 -24.39 -7.50
C LYS D 177 33.08 -24.73 -6.63
#